data_3KZQ
#
_entry.id   3KZQ
#
_cell.length_a   86.304
_cell.length_b   118.108
_cell.length_c   206.674
_cell.angle_alpha   90.00
_cell.angle_beta   90.00
_cell.angle_gamma   90.00
#
_symmetry.space_group_name_H-M   'P 21 21 21'
#
loop_
_entity.id
_entity.type
_entity.pdbx_description
1 polymer 'Putative uncharacterized protein VP2116'
2 non-polymer 1-(2-METHOXY-ETHOXY)-2-{2-[2-(2-METHOXY-ETHOXY]-ETHOXY}-ETHANE
3 non-polymer 'MAGNESIUM ION'
4 non-polymer GLYCEROL
5 water water
#
_entity_poly.entity_id   1
_entity_poly.type   'polypeptide(L)'
_entity_poly.pdbx_seq_one_letter_code
;MNIKLYYVHDPMCSWCWGYKPTIEKLKQQLPGVIQFEYVVGGLAPDTNLPMPPEMQQKLEGIWKQIETQLGTKFNYDFWK
LCTPVRSTYQSCRAVIAAGFQDSYEQMLEAIQHAYYLRAMPPHEEATHLQLAKEIGLNVQQFKNDMDGTLLEGVFQDQLS
LAKSLGVNSYPSLVLQINDAYFPIEVDYLSTEPTLKLIRERIIENMSA
;
_entity_poly.pdbx_strand_id   A,B,C,D,E,F
#
# COMPACT_ATOMS: atom_id res chain seq x y z
N MET A 1 -11.69 6.78 29.99
CA MET A 1 -10.39 7.45 30.24
C MET A 1 -10.45 8.98 30.25
N ASN A 2 -9.73 9.52 31.23
CA ASN A 2 -9.83 10.90 31.61
C ASN A 2 -8.52 11.61 31.24
N ILE A 3 -8.59 12.58 30.33
CA ILE A 3 -7.39 13.14 29.75
C ILE A 3 -7.41 14.66 29.88
N LYS A 4 -6.30 15.20 30.37
CA LYS A 4 -6.24 16.63 30.64
C LYS A 4 -4.83 17.12 30.32
N LEU A 5 -4.71 18.28 29.66
CA LEU A 5 -3.40 18.95 29.48
C LEU A 5 -3.33 20.11 30.44
N TYR A 6 -2.37 20.10 31.35
CA TYR A 6 -2.13 21.26 32.18
C TYR A 6 -1.12 22.19 31.54
N TYR A 7 -1.45 23.49 31.52
CA TYR A 7 -0.54 24.49 31.04
C TYR A 7 -0.10 25.31 32.27
N VAL A 8 1.16 25.19 32.67
CA VAL A 8 1.57 25.77 33.91
C VAL A 8 2.37 26.98 33.53
N HIS A 9 1.86 28.15 33.92
CA HIS A 9 2.42 29.41 33.47
C HIS A 9 2.47 30.47 34.61
N ASP A 10 2.94 31.68 34.27
CA ASP A 10 2.78 32.82 35.20
C ASP A 10 2.51 34.05 34.33
N PRO A 11 1.56 34.96 34.72
CA PRO A 11 1.25 36.11 33.82
C PRO A 11 2.50 36.97 33.61
N MET A 12 3.47 36.89 34.54
CA MET A 12 4.69 37.72 34.49
C MET A 12 5.91 36.97 33.95
N CYS A 13 5.68 35.82 33.37
CA CYS A 13 6.74 35.05 32.76
C CYS A 13 6.93 35.43 31.25
N SER A 14 8.15 35.79 30.91
CA SER A 14 8.52 36.35 29.61
C SER A 14 8.43 35.35 28.49
N TRP A 15 8.87 34.13 28.81
CA TRP A 15 8.74 33.06 27.87
C TRP A 15 7.31 32.71 27.63
N CYS A 16 6.45 32.86 28.63
CA CYS A 16 5.06 32.50 28.42
C CYS A 16 4.44 33.53 27.52
N TRP A 17 4.82 34.80 27.63
CA TRP A 17 4.35 35.84 26.70
C TRP A 17 4.90 35.55 25.30
N GLY A 18 6.15 35.13 25.21
CA GLY A 18 6.66 34.63 23.93
C GLY A 18 5.89 33.45 23.36
N TYR A 19 5.47 32.56 24.26
CA TYR A 19 4.71 31.41 23.84
C TYR A 19 3.28 31.70 23.45
N LYS A 20 2.72 32.86 23.82
CA LYS A 20 1.27 33.10 23.64
C LYS A 20 0.59 32.69 22.32
N PRO A 21 1.12 33.15 21.13
CA PRO A 21 0.43 32.78 19.91
C PRO A 21 0.39 31.24 19.71
N THR A 22 1.39 30.52 20.15
CA THR A 22 1.41 29.07 19.90
C THR A 22 0.49 28.34 20.87
N ILE A 23 0.52 28.71 22.14
CA ILE A 23 -0.31 27.98 23.13
C ILE A 23 -1.78 28.25 22.82
N GLU A 24 -2.10 29.46 22.33
CA GLU A 24 -3.50 29.72 21.95
C GLU A 24 -3.89 28.85 20.77
N LYS A 25 -2.98 28.68 19.79
CA LYS A 25 -3.31 27.83 18.65
C LYS A 25 -3.46 26.39 19.14
N LEU A 26 -2.53 25.96 19.99
CA LEU A 26 -2.59 24.60 20.57
C LEU A 26 -3.92 24.29 21.25
N LYS A 27 -4.34 25.18 22.14
CA LYS A 27 -5.62 25.01 22.84
C LYS A 27 -6.82 24.93 21.87
N GLN A 28 -6.80 25.72 20.78
CA GLN A 28 -7.86 25.70 19.75
C GLN A 28 -7.81 24.36 19.02
N GLN A 29 -6.62 23.84 18.75
CA GLN A 29 -6.51 22.63 17.95
C GLN A 29 -6.66 21.31 18.73
N LEU A 30 -6.63 21.36 20.05
CA LEU A 30 -6.55 20.15 20.87
C LEU A 30 -7.85 19.33 20.70
N PRO A 31 -7.74 17.98 20.60
CA PRO A 31 -9.05 17.27 20.49
C PRO A 31 -10.01 17.51 21.71
N GLY A 32 -11.31 17.45 21.43
CA GLY A 32 -12.33 17.90 22.38
C GLY A 32 -12.38 16.99 23.59
N VAL A 33 -11.85 15.79 23.48
CA VAL A 33 -11.84 14.90 24.64
C VAL A 33 -10.76 15.33 25.71
N ILE A 34 -9.73 16.04 25.29
CA ILE A 34 -8.74 16.56 26.24
C ILE A 34 -9.20 17.87 26.92
N GLN A 35 -9.37 17.88 28.24
CA GLN A 35 -9.59 19.18 28.93
C GLN A 35 -8.28 20.00 28.96
N PHE A 36 -8.39 21.31 28.87
CA PHE A 36 -7.24 22.15 28.99
C PHE A 36 -7.36 22.86 30.35
N GLU A 37 -6.33 22.85 31.19
CA GLU A 37 -6.46 23.56 32.51
C GLU A 37 -5.24 24.50 32.69
N TYR A 38 -5.47 25.78 32.91
CA TYR A 38 -4.41 26.70 33.27
C TYR A 38 -4.10 26.47 34.75
N VAL A 39 -2.81 26.56 35.09
CA VAL A 39 -2.34 26.54 36.46
C VAL A 39 -1.29 27.61 36.64
N VAL A 40 -1.49 28.52 37.60
CA VAL A 40 -0.44 29.54 37.83
C VAL A 40 0.62 28.84 38.67
N GLY A 41 1.88 29.06 38.30
CA GLY A 41 2.98 28.43 39.00
C GLY A 41 3.57 29.29 40.12
N GLY A 42 3.37 30.60 40.03
CA GLY A 42 3.76 31.50 41.14
C GLY A 42 5.27 31.77 41.07
N LEU A 43 5.67 32.52 40.05
CA LEU A 43 7.08 32.78 39.79
C LEU A 43 7.85 33.44 40.93
N ALA A 44 7.25 34.40 41.65
CA ALA A 44 7.92 35.08 42.78
C ALA A 44 6.90 35.51 43.84
N PRO A 45 7.20 35.19 45.13
CA PRO A 45 6.35 35.54 46.33
C PRO A 45 5.96 37.04 46.49
N ASP A 46 4.92 37.33 47.29
CA ASP A 46 4.53 38.72 47.58
C ASP A 46 5.69 39.46 48.20
N THR A 47 5.95 40.69 47.70
CA THR A 47 6.95 41.58 48.26
C THR A 47 6.83 42.96 47.61
N ASN A 48 7.34 43.98 48.32
CA ASN A 48 7.38 45.40 47.92
C ASN A 48 8.78 45.91 47.64
N LEU A 49 9.80 45.08 47.89
CA LEU A 49 11.22 45.42 47.73
C LEU A 49 11.47 45.69 46.24
N PRO A 50 12.11 46.84 45.89
CA PRO A 50 12.37 47.06 44.45
C PRO A 50 13.43 46.10 43.93
N MET A 51 13.35 45.75 42.64
CA MET A 51 14.23 44.75 42.03
C MET A 51 15.62 45.36 41.94
N PRO A 52 16.65 44.67 42.44
CA PRO A 52 17.98 45.30 42.37
C PRO A 52 18.48 45.49 40.91
N PRO A 53 19.29 46.56 40.61
CA PRO A 53 19.52 46.85 39.17
C PRO A 53 20.15 45.73 38.28
N GLU A 54 20.89 44.78 38.85
CA GLU A 54 21.43 43.63 38.10
C GLU A 54 20.33 42.70 37.66
N MET A 55 19.30 42.55 38.48
CA MET A 55 18.24 41.67 38.09
C MET A 55 17.46 42.35 36.96
N GLN A 56 17.26 43.67 37.04
CA GLN A 56 16.61 44.42 35.97
C GLN A 56 17.30 44.31 34.62
N GLN A 57 18.62 44.50 34.60
CA GLN A 57 19.43 44.31 33.37
C GLN A 57 19.31 42.87 32.79
N LYS A 58 19.37 41.86 33.66
CA LYS A 58 19.17 40.48 33.24
C LYS A 58 17.81 40.19 32.54
N LEU A 59 16.74 40.66 33.17
CA LEU A 59 15.40 40.39 32.70
C LEU A 59 15.22 41.15 31.39
N GLU A 60 15.74 42.36 31.33
CA GLU A 60 15.64 43.14 30.10
C GLU A 60 16.34 42.41 28.97
N GLY A 61 17.52 41.87 29.24
CA GLY A 61 18.28 41.17 28.21
C GLY A 61 17.58 39.88 27.77
N ILE A 62 16.79 39.27 28.68
CA ILE A 62 15.99 38.10 28.33
C ILE A 62 14.87 38.51 27.33
N TRP A 63 14.23 39.66 27.55
CA TRP A 63 13.20 40.14 26.64
C TRP A 63 13.83 40.22 25.25
N LYS A 64 15.03 40.75 25.20
CA LYS A 64 15.68 40.86 23.89
C LYS A 64 16.01 39.52 23.21
N GLN A 65 16.43 38.52 24.00
CA GLN A 65 16.53 37.10 23.54
C GLN A 65 15.26 36.60 22.89
N ILE A 66 14.16 36.77 23.59
CA ILE A 66 12.83 36.29 23.15
C ILE A 66 12.43 37.04 21.88
N GLU A 67 12.69 38.35 21.84
CA GLU A 67 12.36 39.11 20.64
C GLU A 67 13.13 38.53 19.44
N THR A 68 14.44 38.33 19.57
CA THR A 68 15.30 37.75 18.52
C THR A 68 14.83 36.35 18.09
N GLN A 69 14.60 35.43 19.03
CA GLN A 69 14.21 34.07 18.67
C GLN A 69 12.78 33.95 18.16
N LEU A 70 11.81 34.65 18.79
CA LEU A 70 10.39 34.43 18.48
C LEU A 70 9.73 35.53 17.72
N GLY A 71 10.34 36.70 17.68
CA GLY A 71 9.76 37.85 16.97
C GLY A 71 8.76 38.55 17.91
N THR A 72 8.79 38.27 19.22
CA THR A 72 7.83 38.79 20.18
C THR A 72 7.99 40.30 20.37
N LYS A 73 6.89 41.03 20.55
CA LYS A 73 6.97 42.52 20.72
C LYS A 73 7.16 42.87 22.19
N PHE A 74 8.02 43.85 22.47
CA PHE A 74 8.20 44.39 23.83
C PHE A 74 8.31 45.89 23.69
N ASN A 75 7.63 46.64 24.56
CA ASN A 75 7.97 48.03 24.77
C ASN A 75 9.03 48.07 25.89
N TYR A 76 10.31 48.28 25.52
CA TYR A 76 11.40 48.41 26.52
C TYR A 76 11.31 49.57 27.50
N ASP A 77 10.43 50.54 27.25
CA ASP A 77 10.19 51.62 28.20
C ASP A 77 9.78 51.20 29.61
N PHE A 78 9.27 49.96 29.76
CA PHE A 78 8.97 49.45 31.06
C PHE A 78 10.15 49.65 32.03
N TRP A 79 11.37 49.32 31.60
CA TRP A 79 12.57 49.46 32.44
C TRP A 79 12.98 50.86 32.80
N LYS A 80 12.50 51.84 32.01
CA LYS A 80 12.73 53.28 32.27
C LYS A 80 11.61 53.90 33.10
N LEU A 81 10.38 53.51 32.84
CA LEU A 81 9.21 54.20 33.39
C LEU A 81 8.67 53.66 34.72
N CYS A 82 8.95 52.42 35.06
CA CYS A 82 8.35 51.77 36.25
C CYS A 82 9.44 51.46 37.27
N THR A 83 9.05 51.14 38.50
CA THR A 83 10.00 50.59 39.50
C THR A 83 9.67 49.13 39.54
N PRO A 84 10.51 48.33 38.87
CA PRO A 84 10.22 46.89 38.75
C PRO A 84 10.38 46.21 40.13
N VAL A 85 9.42 45.35 40.45
CA VAL A 85 9.36 44.58 41.69
C VAL A 85 9.27 43.09 41.30
N ARG A 86 10.11 42.26 41.91
CA ARG A 86 10.18 40.80 41.58
C ARG A 86 9.06 40.16 42.36
N SER A 87 7.84 40.31 41.93
CA SER A 87 6.76 39.74 42.70
C SER A 87 5.61 39.50 41.74
N THR A 88 5.15 38.25 41.68
CA THR A 88 4.22 37.88 40.64
C THR A 88 2.88 37.37 41.18
N TYR A 89 2.82 37.12 42.48
CA TYR A 89 1.66 36.55 43.10
C TYR A 89 0.41 37.34 42.91
N GLN A 90 0.45 38.66 43.08
CA GLN A 90 -0.77 39.50 42.83
C GLN A 90 -1.28 39.38 41.38
N SER A 91 -0.40 39.35 40.43
CA SER A 91 -0.85 39.18 39.08
C SER A 91 -1.45 37.77 38.89
N CYS A 92 -0.97 36.70 39.56
CA CYS A 92 -1.67 35.38 39.51
C CYS A 92 -3.06 35.45 40.17
N ARG A 93 -3.16 36.12 41.32
CA ARG A 93 -4.47 36.28 41.95
C ARG A 93 -5.44 37.09 41.04
N ALA A 94 -4.98 38.12 40.37
CA ALA A 94 -5.82 38.84 39.40
C ALA A 94 -6.37 37.99 38.27
N VAL A 95 -5.58 37.09 37.65
CA VAL A 95 -6.12 36.25 36.62
C VAL A 95 -7.14 35.28 37.18
N ILE A 96 -6.89 34.71 38.36
CA ILE A 96 -7.83 33.76 38.96
C ILE A 96 -9.09 34.52 39.30
N ALA A 97 -8.98 35.71 39.89
CA ALA A 97 -10.22 36.47 40.21
C ALA A 97 -11.07 36.79 38.95
N ALA A 98 -10.38 37.12 37.88
CA ALA A 98 -11.05 37.42 36.64
C ALA A 98 -11.73 36.18 36.11
N GLY A 99 -11.13 35.01 36.35
CA GLY A 99 -11.73 33.73 36.01
C GLY A 99 -13.06 33.45 36.67
N PHE A 100 -13.29 33.99 37.88
CA PHE A 100 -14.59 33.94 38.54
C PHE A 100 -15.67 34.67 37.75
N GLN A 101 -15.30 35.66 36.93
CA GLN A 101 -16.29 36.32 36.11
C GLN A 101 -16.11 35.86 34.67
N ASP A 102 -15.66 34.62 34.51
CA ASP A 102 -15.45 34.08 33.15
C ASP A 102 -14.51 34.84 32.23
N SER A 103 -13.47 35.45 32.79
CA SER A 103 -12.57 36.25 31.96
C SER A 103 -11.14 35.99 32.27
N TYR A 104 -10.82 34.73 32.60
CA TYR A 104 -9.50 34.37 32.89
C TYR A 104 -8.58 34.77 31.69
N GLU A 105 -8.90 34.33 30.47
CA GLU A 105 -8.03 34.57 29.32
C GLU A 105 -7.97 36.07 28.92
N GLN A 106 -9.09 36.76 29.08
CA GLN A 106 -9.06 38.17 28.77
C GLN A 106 -8.15 38.90 29.77
N MET A 107 -8.18 38.56 31.05
CA MET A 107 -7.32 39.23 32.01
C MET A 107 -5.84 38.88 31.84
N LEU A 108 -5.58 37.60 31.54
CA LEU A 108 -4.20 37.13 31.26
C LEU A 108 -3.57 37.97 30.13
N GLU A 109 -4.28 38.10 29.03
CA GLU A 109 -3.81 38.88 27.92
C GLU A 109 -3.69 40.37 28.33
N ALA A 110 -4.59 40.84 29.17
CA ALA A 110 -4.58 42.24 29.46
C ALA A 110 -3.33 42.54 30.32
N ILE A 111 -2.97 41.62 31.23
CA ILE A 111 -1.80 41.80 32.09
C ILE A 111 -0.49 41.71 31.29
N GLN A 112 -0.40 40.76 30.35
CA GLN A 112 0.77 40.63 29.48
C GLN A 112 0.96 41.91 28.62
N HIS A 113 -0.13 42.38 28.01
CA HIS A 113 -0.06 43.62 27.28
C HIS A 113 0.36 44.75 28.20
N ALA A 114 -0.21 44.83 29.40
CA ALA A 114 0.13 45.91 30.33
C ALA A 114 1.63 45.95 30.60
N TYR A 115 2.15 44.80 30.99
CA TYR A 115 3.54 44.62 31.34
C TYR A 115 4.52 44.77 30.13
N TYR A 116 4.26 44.06 29.03
CA TYR A 116 5.19 43.99 27.96
C TYR A 116 5.02 45.07 26.90
N LEU A 117 3.83 45.66 26.80
CA LEU A 117 3.60 46.69 25.74
C LEU A 117 3.30 48.09 26.31
N ARG A 118 2.62 48.15 27.45
CA ARG A 118 2.04 49.40 27.92
C ARG A 118 2.88 50.05 28.96
N ALA A 119 4.00 49.40 29.28
CA ALA A 119 4.87 49.93 30.32
C ALA A 119 4.05 50.26 31.59
N MET A 120 3.23 49.35 32.08
CA MET A 120 2.46 49.51 33.32
C MET A 120 2.98 48.48 34.36
N PRO A 121 3.04 48.81 35.65
CA PRO A 121 3.59 47.85 36.60
C PRO A 121 2.61 46.69 36.81
N PRO A 122 3.00 45.47 36.46
CA PRO A 122 1.98 44.41 36.50
C PRO A 122 1.67 43.90 37.92
N HIS A 123 2.41 44.37 38.91
CA HIS A 123 2.26 43.89 40.29
C HIS A 123 1.38 44.83 41.13
N GLU A 124 0.97 45.94 40.54
CA GLU A 124 0.23 46.96 41.27
C GLU A 124 -1.27 46.82 41.15
N GLU A 125 -1.93 47.05 42.29
CA GLU A 125 -3.38 47.18 42.37
C GLU A 125 -3.95 48.18 41.36
N ALA A 126 -3.41 49.39 41.28
CA ALA A 126 -3.93 50.35 40.28
C ALA A 126 -4.01 49.73 38.84
N THR A 127 -3.01 48.96 38.44
CA THR A 127 -3.00 48.31 37.14
C THR A 127 -4.15 47.31 37.08
N HIS A 128 -4.20 46.38 38.00
CA HIS A 128 -5.27 45.37 38.03
C HIS A 128 -6.69 45.94 37.93
N LEU A 129 -6.99 46.99 38.68
CA LEU A 129 -8.32 47.63 38.61
C LEU A 129 -8.56 48.37 37.32
N GLN A 130 -7.54 49.09 36.81
CA GLN A 130 -7.67 49.63 35.46
C GLN A 130 -7.94 48.54 34.36
N LEU A 131 -7.24 47.38 34.42
CA LEU A 131 -7.47 46.28 33.50
C LEU A 131 -8.88 45.67 33.71
N ALA A 132 -9.33 45.51 34.96
CA ALA A 132 -10.65 44.91 35.22
C ALA A 132 -11.74 45.72 34.55
N LYS A 133 -11.62 47.04 34.62
CA LYS A 133 -12.55 47.94 33.98
C LYS A 133 -12.50 47.80 32.44
N GLU A 134 -11.30 47.93 31.87
CA GLU A 134 -11.10 47.81 30.45
C GLU A 134 -11.69 46.52 29.87
N ILE A 135 -11.55 45.42 30.62
CA ILE A 135 -12.00 44.07 30.20
C ILE A 135 -13.53 43.83 30.43
N GLY A 136 -14.21 44.84 30.96
CA GLY A 136 -15.61 44.74 31.27
C GLY A 136 -16.02 44.01 32.54
N LEU A 137 -15.14 43.75 33.51
CA LEU A 137 -15.58 43.05 34.75
C LEU A 137 -16.43 43.96 35.62
N ASN A 138 -17.21 43.37 36.53
CA ASN A 138 -17.73 44.08 37.72
C ASN A 138 -16.50 44.37 38.61
N VAL A 139 -16.03 45.61 38.63
CA VAL A 139 -14.77 45.96 39.26
C VAL A 139 -14.83 45.72 40.79
N GLN A 140 -15.96 46.04 41.41
CA GLN A 140 -16.10 45.88 42.84
C GLN A 140 -16.07 44.41 43.24
N GLN A 141 -16.80 43.55 42.52
CA GLN A 141 -16.72 42.12 42.80
C GLN A 141 -15.28 41.60 42.59
N PHE A 142 -14.59 42.11 41.58
CA PHE A 142 -13.21 41.68 41.30
C PHE A 142 -12.31 42.10 42.46
N LYS A 143 -12.49 43.32 42.95
CA LYS A 143 -11.70 43.74 44.08
C LYS A 143 -11.96 42.93 45.38
N ASN A 144 -13.23 42.65 45.75
CA ASN A 144 -13.59 41.82 46.91
C ASN A 144 -13.06 40.37 46.71
N ASP A 145 -13.20 39.84 45.50
CA ASP A 145 -12.72 38.50 45.21
C ASP A 145 -11.21 38.35 45.47
N MET A 146 -10.41 39.29 44.94
CA MET A 146 -8.96 39.36 45.17
C MET A 146 -8.60 39.29 46.65
N ASP A 147 -9.37 39.94 47.48
CA ASP A 147 -9.06 40.00 48.88
C ASP A 147 -9.78 38.93 49.75
N GLY A 148 -10.32 37.87 49.16
CA GLY A 148 -11.20 36.99 49.96
C GLY A 148 -10.46 35.73 50.23
N THR A 149 -10.95 34.95 51.19
CA THR A 149 -10.31 33.70 51.51
C THR A 149 -10.63 32.64 50.43
N LEU A 150 -11.77 32.75 49.75
CA LEU A 150 -12.08 31.79 48.68
C LEU A 150 -10.94 31.78 47.65
N LEU A 151 -10.53 32.96 47.19
CA LEU A 151 -9.41 33.09 46.24
C LEU A 151 -8.06 32.65 46.75
N GLU A 152 -7.71 32.95 48.00
CA GLU A 152 -6.43 32.44 48.48
C GLU A 152 -6.43 30.92 48.51
N GLY A 153 -7.61 30.33 48.75
CA GLY A 153 -7.80 28.87 48.75
C GLY A 153 -7.50 28.31 47.34
N VAL A 154 -8.08 28.92 46.31
CA VAL A 154 -7.88 28.50 44.94
C VAL A 154 -6.42 28.70 44.53
N PHE A 155 -5.90 29.88 44.83
CA PHE A 155 -4.54 30.23 44.50
C PHE A 155 -3.52 29.24 45.12
N GLN A 156 -3.66 28.98 46.39
CA GLN A 156 -2.84 28.00 47.09
C GLN A 156 -2.94 26.60 46.47
N ASP A 157 -4.14 26.16 46.10
CA ASP A 157 -4.36 24.86 45.50
C ASP A 157 -3.55 24.79 44.16
N GLN A 158 -3.54 25.87 43.38
CA GLN A 158 -2.81 25.87 42.09
C GLN A 158 -1.25 25.87 42.28
N LEU A 159 -0.72 26.66 43.22
CA LEU A 159 0.70 26.62 43.59
C LEU A 159 1.14 25.23 44.01
N SER A 160 0.30 24.51 44.77
CA SER A 160 0.63 23.11 45.19
C SER A 160 0.56 22.20 44.02
N LEU A 161 -0.41 22.43 43.15
CA LEU A 161 -0.58 21.58 41.99
C LEU A 161 0.61 21.72 41.03
N ALA A 162 1.04 22.94 40.78
CA ALA A 162 2.24 23.15 39.92
C ALA A 162 3.45 22.37 40.46
N LYS A 163 3.73 22.46 41.77
CA LYS A 163 4.86 21.70 42.38
C LYS A 163 4.58 20.17 42.27
N SER A 164 3.35 19.75 42.57
CA SER A 164 2.91 18.34 42.40
C SER A 164 3.07 17.75 41.00
N LEU A 165 2.73 18.51 39.98
CA LEU A 165 3.05 18.15 38.60
C LEU A 165 4.54 18.06 38.25
N GLY A 166 5.43 18.43 39.17
CA GLY A 166 6.88 18.39 38.92
C GLY A 166 7.37 19.60 38.10
N VAL A 167 6.64 20.74 38.12
CA VAL A 167 7.04 21.86 37.28
C VAL A 167 7.90 22.83 38.06
N ASN A 168 9.08 23.20 37.54
CA ASN A 168 9.91 24.21 38.20
C ASN A 168 10.30 25.35 37.27
N SER A 169 9.67 25.43 36.10
CA SER A 169 9.97 26.50 35.17
C SER A 169 8.77 26.69 34.21
N TYR A 170 8.65 27.86 33.63
CA TYR A 170 7.44 28.20 32.88
C TYR A 170 7.87 28.67 31.49
N PRO A 171 7.14 28.31 30.44
CA PRO A 171 5.89 27.56 30.44
C PRO A 171 6.15 26.07 30.54
N SER A 172 5.22 25.31 31.12
CA SER A 172 5.37 23.85 31.05
C SER A 172 4.01 23.24 30.69
N LEU A 173 4.06 22.08 30.02
CA LEU A 173 2.86 21.30 29.74
C LEU A 173 2.96 19.95 30.43
N VAL A 174 1.88 19.51 31.04
CA VAL A 174 1.91 18.13 31.57
C VAL A 174 0.60 17.51 31.11
N LEU A 175 0.67 16.34 30.51
CA LEU A 175 -0.54 15.62 30.12
C LEU A 175 -0.94 14.54 31.14
N GLN A 176 -2.19 14.57 31.56
CA GLN A 176 -2.63 13.62 32.53
C GLN A 176 -3.50 12.59 31.81
N ILE A 177 -3.26 11.31 32.05
CA ILE A 177 -4.14 10.29 31.50
C ILE A 177 -4.55 9.42 32.64
N ASN A 178 -5.78 9.52 33.10
CA ASN A 178 -6.21 8.81 34.34
C ASN A 178 -5.32 9.15 35.51
N ASP A 179 -4.66 8.14 36.12
CA ASP A 179 -3.71 8.44 37.23
C ASP A 179 -2.23 8.66 36.85
N ALA A 180 -1.91 8.83 35.59
CA ALA A 180 -0.53 8.91 35.16
C ALA A 180 -0.31 10.33 34.58
N TYR A 181 0.93 10.85 34.68
CA TYR A 181 1.30 12.22 34.25
C TYR A 181 2.52 12.14 33.34
N PHE A 182 2.48 12.88 32.23
CA PHE A 182 3.59 12.88 31.26
C PHE A 182 3.93 14.32 30.93
N PRO A 183 5.16 14.75 31.25
CA PRO A 183 5.62 16.09 30.79
C PRO A 183 5.54 16.13 29.27
N ILE A 184 5.18 17.29 28.69
CA ILE A 184 5.15 17.41 27.25
C ILE A 184 6.05 18.57 26.88
N GLU A 185 7.03 18.31 26.03
CA GLU A 185 7.93 19.39 25.60
C GLU A 185 7.20 20.56 24.91
N VAL A 186 7.54 21.81 25.29
CA VAL A 186 7.04 23.05 24.66
C VAL A 186 7.75 23.28 23.35
N ASP A 187 6.99 23.46 22.27
CA ASP A 187 7.63 23.94 21.01
C ASP A 187 7.12 25.36 20.79
N TYR A 188 8.01 26.34 20.82
CA TYR A 188 7.55 27.73 20.87
C TYR A 188 6.86 28.22 19.60
N LEU A 189 7.28 27.63 18.51
CA LEU A 189 6.94 28.13 17.21
C LEU A 189 5.86 27.29 16.52
N SER A 190 5.66 26.05 16.92
CA SER A 190 4.77 25.20 16.14
C SER A 190 3.99 24.26 17.05
N THR A 191 2.76 24.01 16.66
CA THR A 191 1.85 23.20 17.42
C THR A 191 2.00 21.68 17.03
N GLU A 192 2.48 21.45 15.80
CA GLU A 192 2.41 20.11 15.18
C GLU A 192 3.13 19.02 15.98
N PRO A 193 4.40 19.26 16.38
CA PRO A 193 5.13 18.26 17.15
C PRO A 193 4.45 18.06 18.51
N THR A 194 3.91 19.13 19.09
CA THR A 194 3.30 19.01 20.42
C THR A 194 2.07 18.09 20.41
N LEU A 195 1.21 18.30 19.39
CA LEU A 195 0.04 17.45 19.18
C LEU A 195 0.45 16.00 18.90
N LYS A 196 1.53 15.80 18.14
CA LYS A 196 2.04 14.46 17.86
C LYS A 196 2.44 13.77 19.17
N LEU A 197 3.20 14.48 20.01
CA LEU A 197 3.56 13.94 21.29
C LEU A 197 2.31 13.58 22.13
N ILE A 198 1.30 14.43 22.14
CA ILE A 198 0.10 14.14 22.90
C ILE A 198 -0.65 12.93 22.38
N ARG A 199 -0.89 12.86 21.07
CA ARG A 199 -1.59 11.72 20.51
C ARG A 199 -0.85 10.41 20.75
N GLU A 200 0.49 10.49 20.66
CA GLU A 200 1.34 9.30 20.84
C GLU A 200 1.23 8.77 22.25
N ARG A 201 1.33 9.67 23.24
CA ARG A 201 1.12 9.27 24.63
C ARG A 201 -0.22 8.61 24.89
N ILE A 202 -1.30 9.23 24.40
CA ILE A 202 -2.63 8.71 24.60
C ILE A 202 -2.71 7.30 24.02
N ILE A 203 -2.23 7.14 22.79
CA ILE A 203 -2.26 5.83 22.19
C ILE A 203 -1.35 4.79 22.85
N GLU A 204 -0.15 5.15 23.34
CA GLU A 204 0.65 4.17 24.08
C GLU A 204 -0.01 3.75 25.41
N ASN A 205 -0.98 4.51 25.91
CA ASN A 205 -1.63 4.19 27.19
C ASN A 205 -3.01 3.59 27.12
N MET A 206 -3.35 3.08 25.96
CA MET A 206 -4.64 2.44 25.75
C MET A 206 -4.57 0.92 25.96
N MET B 1 -27.64 -14.26 -34.26
CA MET B 1 -26.77 -13.30 -33.47
C MET B 1 -27.52 -12.79 -32.22
N ASN B 2 -27.07 -13.24 -31.03
CA ASN B 2 -27.76 -12.98 -29.76
C ASN B 2 -27.10 -11.80 -29.03
N ILE B 3 -27.78 -10.65 -28.97
CA ILE B 3 -27.12 -9.42 -28.52
C ILE B 3 -27.94 -8.83 -27.39
N LYS B 4 -27.29 -8.45 -26.27
CA LYS B 4 -27.98 -7.78 -25.19
C LYS B 4 -27.13 -6.63 -24.75
N LEU B 5 -27.78 -5.59 -24.24
CA LEU B 5 -27.14 -4.47 -23.62
C LEU B 5 -27.60 -4.57 -22.15
N TYR B 6 -26.67 -4.80 -21.22
CA TYR B 6 -27.03 -4.83 -19.83
C TYR B 6 -26.72 -3.46 -19.26
N TYR B 7 -27.69 -2.95 -18.52
CA TYR B 7 -27.55 -1.71 -17.83
C TYR B 7 -27.51 -2.08 -16.35
N VAL B 8 -26.33 -1.90 -15.73
CA VAL B 8 -26.15 -2.32 -14.34
C VAL B 8 -26.29 -1.10 -13.50
N HIS B 9 -27.26 -1.15 -12.57
CA HIS B 9 -27.63 0.07 -11.88
C HIS B 9 -28.06 -0.31 -10.45
N ASP B 10 -28.43 0.70 -9.67
CA ASP B 10 -29.07 0.45 -8.35
C ASP B 10 -30.10 1.60 -8.16
N PRO B 11 -31.32 1.28 -7.65
CA PRO B 11 -32.43 2.28 -7.50
C PRO B 11 -31.99 3.48 -6.63
N MET B 12 -31.08 3.24 -5.70
CA MET B 12 -30.62 4.24 -4.77
C MET B 12 -29.24 4.83 -5.21
N CYS B 13 -28.82 4.59 -6.45
CA CYS B 13 -27.56 5.20 -6.94
C CYS B 13 -27.90 6.61 -7.52
N SER B 14 -27.25 7.62 -7.00
CA SER B 14 -27.39 9.03 -7.40
C SER B 14 -27.06 9.34 -8.84
N TRP B 15 -25.92 8.82 -9.27
CA TRP B 15 -25.48 8.99 -10.66
C TRP B 15 -26.43 8.24 -11.63
N CYS B 16 -27.00 7.11 -11.21
CA CYS B 16 -28.00 6.44 -12.06
C CYS B 16 -29.26 7.29 -12.22
N TRP B 17 -29.67 8.01 -11.15
CA TRP B 17 -30.73 8.99 -11.26
C TRP B 17 -30.31 10.13 -12.17
N GLY B 18 -29.07 10.63 -12.01
CA GLY B 18 -28.52 11.62 -12.95
C GLY B 18 -28.59 11.10 -14.42
N TYR B 19 -28.37 9.80 -14.64
CA TYR B 19 -28.26 9.26 -16.01
C TYR B 19 -29.65 9.00 -16.62
N LYS B 20 -30.67 8.97 -15.77
CA LYS B 20 -32.00 8.52 -16.19
C LYS B 20 -32.49 9.09 -17.54
N PRO B 21 -32.51 10.45 -17.71
CA PRO B 21 -33.07 10.88 -19.05
C PRO B 21 -32.28 10.28 -20.25
N THR B 22 -30.94 10.17 -20.16
CA THR B 22 -30.12 9.69 -21.28
C THR B 22 -30.28 8.19 -21.47
N ILE B 23 -30.23 7.41 -20.39
CA ILE B 23 -30.38 5.95 -20.56
C ILE B 23 -31.77 5.56 -21.08
N GLU B 24 -32.78 6.30 -20.65
CA GLU B 24 -34.13 6.07 -21.22
C GLU B 24 -34.20 6.40 -22.68
N LYS B 25 -33.55 7.46 -23.08
CA LYS B 25 -33.57 7.78 -24.49
C LYS B 25 -32.73 6.75 -25.28
N LEU B 26 -31.62 6.26 -24.70
CA LEU B 26 -30.82 5.25 -25.40
C LEU B 26 -31.64 3.95 -25.57
N LYS B 27 -32.37 3.57 -24.53
CA LYS B 27 -33.17 2.35 -24.58
C LYS B 27 -34.26 2.48 -25.71
N GLN B 28 -34.83 3.67 -25.88
CA GLN B 28 -35.82 3.88 -26.97
C GLN B 28 -35.15 3.91 -28.31
N GLN B 29 -33.90 4.37 -28.41
CA GLN B 29 -33.32 4.46 -29.73
C GLN B 29 -32.67 3.15 -30.15
N LEU B 30 -32.56 2.16 -29.30
CA LEU B 30 -31.79 0.98 -29.62
C LEU B 30 -32.55 0.12 -30.60
N PRO B 31 -31.88 -0.33 -31.67
CA PRO B 31 -32.51 -1.23 -32.65
C PRO B 31 -32.97 -2.53 -31.99
N GLY B 32 -34.07 -3.10 -32.51
CA GLY B 32 -34.69 -4.32 -31.91
C GLY B 32 -33.83 -5.57 -31.85
N VAL B 33 -32.79 -5.68 -32.69
CA VAL B 33 -31.88 -6.82 -32.46
C VAL B 33 -31.19 -6.77 -31.10
N ILE B 34 -31.11 -5.62 -30.45
CA ILE B 34 -30.42 -5.55 -29.15
C ILE B 34 -31.48 -5.63 -28.06
N GLN B 35 -31.47 -6.69 -27.25
CA GLN B 35 -32.35 -6.65 -26.07
C GLN B 35 -31.74 -5.85 -24.92
N PHE B 36 -32.48 -4.92 -24.37
CA PHE B 36 -32.06 -4.23 -23.20
C PHE B 36 -32.42 -5.05 -21.89
N GLU B 37 -31.45 -5.15 -20.98
CA GLU B 37 -31.72 -5.85 -19.73
C GLU B 37 -31.10 -5.04 -18.55
N TYR B 38 -31.93 -4.75 -17.54
CA TYR B 38 -31.46 -4.11 -16.32
C TYR B 38 -30.89 -5.18 -15.39
N VAL B 39 -29.79 -4.86 -14.72
CA VAL B 39 -29.23 -5.76 -13.70
C VAL B 39 -29.06 -4.92 -12.45
N VAL B 40 -29.58 -5.41 -11.29
CA VAL B 40 -29.30 -4.62 -10.06
C VAL B 40 -27.94 -5.03 -9.50
N GLY B 41 -27.10 -4.02 -9.18
CA GLY B 41 -25.71 -4.32 -8.66
C GLY B 41 -25.59 -4.43 -7.14
N GLY B 42 -26.53 -3.84 -6.40
CA GLY B 42 -26.53 -3.99 -4.94
C GLY B 42 -25.47 -3.05 -4.33
N LEU B 43 -25.73 -1.75 -4.36
CA LEU B 43 -24.78 -0.78 -3.85
C LEU B 43 -24.43 -0.97 -2.39
N ALA B 44 -25.42 -1.18 -1.48
CA ALA B 44 -25.06 -1.41 -0.09
C ALA B 44 -25.95 -2.48 0.55
N PRO B 45 -25.36 -3.39 1.33
CA PRO B 45 -26.16 -4.54 1.76
C PRO B 45 -27.09 -4.16 2.92
N ASP B 46 -27.90 -5.14 3.33
CA ASP B 46 -28.87 -4.97 4.41
C ASP B 46 -28.26 -4.47 5.70
N THR B 47 -28.76 -3.38 6.22
CA THR B 47 -28.41 -2.94 7.56
C THR B 47 -29.56 -2.00 8.00
N ASN B 48 -29.74 -1.85 9.32
CA ASN B 48 -30.74 -0.90 9.88
C ASN B 48 -30.06 0.29 10.53
N LEU B 49 -28.73 0.34 10.51
CA LEU B 49 -28.03 1.34 11.28
C LEU B 49 -28.10 2.70 10.56
N PRO B 50 -28.30 3.76 11.35
CA PRO B 50 -28.36 5.09 10.78
C PRO B 50 -27.06 5.45 10.13
N MET B 51 -27.14 6.06 8.94
CA MET B 51 -25.98 6.60 8.25
C MET B 51 -25.23 7.62 9.14
N PRO B 52 -23.93 7.42 9.37
CA PRO B 52 -23.18 8.43 10.19
C PRO B 52 -23.16 9.84 9.55
N PRO B 53 -23.14 10.91 10.37
CA PRO B 53 -23.17 12.25 9.78
C PRO B 53 -22.09 12.53 8.74
N GLU B 54 -20.87 12.01 8.88
CA GLU B 54 -19.87 12.22 7.82
C GLU B 54 -20.35 11.69 6.46
N MET B 55 -20.99 10.53 6.45
CA MET B 55 -21.41 9.95 5.20
C MET B 55 -22.64 10.75 4.63
N GLN B 56 -23.55 11.19 5.48
CA GLN B 56 -24.65 12.00 5.06
C GLN B 56 -24.16 13.26 4.39
N GLN B 57 -23.16 13.87 4.98
CA GLN B 57 -22.64 15.11 4.46
C GLN B 57 -22.01 14.87 3.10
N LYS B 58 -21.24 13.79 2.97
CA LYS B 58 -20.61 13.47 1.72
C LYS B 58 -21.67 13.15 0.66
N LEU B 59 -22.75 12.46 1.01
CA LEU B 59 -23.69 12.03 -0.01
C LEU B 59 -24.51 13.22 -0.53
N GLU B 60 -24.96 14.06 0.38
CA GLU B 60 -25.59 15.28 -0.02
C GLU B 60 -24.68 16.19 -0.89
N GLY B 61 -23.37 16.25 -0.61
CA GLY B 61 -22.45 16.96 -1.50
C GLY B 61 -22.38 16.31 -2.88
N ILE B 62 -22.56 15.01 -2.95
CA ILE B 62 -22.57 14.31 -4.23
C ILE B 62 -23.82 14.71 -5.06
N TRP B 63 -25.00 14.80 -4.43
CA TRP B 63 -26.23 15.25 -5.06
C TRP B 63 -25.96 16.63 -5.66
N LYS B 64 -25.33 17.51 -4.90
CA LYS B 64 -25.13 18.87 -5.42
C LYS B 64 -24.12 18.87 -6.64
N GLN B 65 -23.10 18.05 -6.61
CA GLN B 65 -22.25 17.86 -7.76
C GLN B 65 -23.01 17.33 -9.01
N ILE B 66 -23.89 16.35 -8.81
CA ILE B 66 -24.72 15.81 -9.92
C ILE B 66 -25.60 16.91 -10.49
N GLU B 67 -26.29 17.65 -9.62
CA GLU B 67 -27.12 18.74 -10.06
C GLU B 67 -26.30 19.76 -10.91
N THR B 68 -25.12 20.12 -10.44
CA THR B 68 -24.27 21.08 -11.13
C THR B 68 -23.83 20.52 -12.50
N GLN B 69 -23.49 19.25 -12.56
CA GLN B 69 -22.92 18.74 -13.78
C GLN B 69 -23.99 18.39 -14.80
N LEU B 70 -25.12 17.85 -14.35
CA LEU B 70 -26.14 17.31 -15.24
C LEU B 70 -27.47 18.03 -15.18
N GLY B 71 -27.67 18.99 -14.27
CA GLY B 71 -28.99 19.61 -14.19
C GLY B 71 -30.06 18.77 -13.47
N THR B 72 -29.66 17.61 -12.92
CA THR B 72 -30.52 16.75 -12.15
C THR B 72 -31.28 17.44 -11.00
N LYS B 73 -32.56 17.09 -10.89
CA LYS B 73 -33.39 17.53 -9.75
C LYS B 73 -33.25 16.72 -8.46
N PHE B 74 -33.10 17.44 -7.34
CA PHE B 74 -33.06 16.84 -6.02
C PHE B 74 -33.85 17.70 -5.03
N ASN B 75 -34.68 17.07 -4.19
CA ASN B 75 -35.28 17.76 -3.04
C ASN B 75 -34.36 17.43 -1.85
N TYR B 76 -33.54 18.41 -1.42
CA TYR B 76 -32.58 18.31 -0.28
C TYR B 76 -33.29 18.13 1.09
N ASP B 77 -34.57 18.42 1.18
CA ASP B 77 -35.33 18.03 2.35
C ASP B 77 -35.17 16.58 2.79
N PHE B 78 -34.75 15.69 1.89
CA PHE B 78 -34.62 14.29 2.30
C PHE B 78 -33.75 14.20 3.57
N TRP B 79 -32.65 14.97 3.57
CA TRP B 79 -31.62 14.94 4.61
C TRP B 79 -32.15 15.50 5.92
N LYS B 80 -33.22 16.33 5.89
CA LYS B 80 -33.85 16.81 7.10
C LYS B 80 -35.01 15.97 7.55
N LEU B 81 -35.79 15.40 6.65
CA LEU B 81 -37.05 14.74 7.01
C LEU B 81 -36.91 13.25 7.29
N CYS B 82 -35.85 12.63 6.77
CA CYS B 82 -35.69 11.18 6.92
C CYS B 82 -34.52 10.81 7.83
N THR B 83 -34.54 9.58 8.33
CA THR B 83 -33.33 9.01 8.91
C THR B 83 -32.61 8.18 7.81
N PRO B 84 -31.48 8.69 7.25
CA PRO B 84 -30.93 7.98 6.09
C PRO B 84 -30.25 6.71 6.59
N VAL B 85 -30.27 5.65 5.80
CA VAL B 85 -29.60 4.34 6.12
C VAL B 85 -28.85 3.90 4.86
N ARG B 86 -27.57 3.56 4.98
CA ARG B 86 -26.76 3.19 3.80
C ARG B 86 -27.08 1.72 3.45
N SER B 87 -28.24 1.51 2.81
CA SER B 87 -28.76 0.12 2.62
C SER B 87 -29.62 0.09 1.38
N THR B 88 -29.21 -0.59 0.31
CA THR B 88 -29.93 -0.47 -0.94
C THR B 88 -30.57 -1.78 -1.35
N TYR B 89 -30.32 -2.88 -0.61
CA TYR B 89 -30.61 -4.22 -1.22
C TYR B 89 -32.14 -4.37 -1.23
N GLN B 90 -32.82 -3.86 -0.18
CA GLN B 90 -34.26 -3.95 -0.18
C GLN B 90 -34.90 -3.20 -1.33
N SER B 91 -34.34 -2.06 -1.67
CA SER B 91 -34.89 -1.35 -2.81
C SER B 91 -34.65 -2.13 -4.16
N CYS B 92 -33.51 -2.83 -4.24
CA CYS B 92 -33.21 -3.70 -5.43
C CYS B 92 -34.24 -4.82 -5.40
N ARG B 93 -34.52 -5.45 -4.23
CA ARG B 93 -35.56 -6.45 -4.20
C ARG B 93 -36.96 -5.94 -4.66
N ALA B 94 -37.34 -4.74 -4.27
CA ALA B 94 -38.63 -4.18 -4.61
C ALA B 94 -38.71 -3.99 -6.14
N VAL B 95 -37.64 -3.56 -6.82
CA VAL B 95 -37.79 -3.45 -8.26
C VAL B 95 -37.90 -4.85 -8.96
N ILE B 96 -37.13 -5.82 -8.52
CA ILE B 96 -37.18 -7.17 -9.07
C ILE B 96 -38.61 -7.70 -8.93
N ALA B 97 -39.18 -7.50 -7.76
CA ALA B 97 -40.50 -8.06 -7.49
C ALA B 97 -41.56 -7.34 -8.32
N ALA B 98 -41.40 -6.02 -8.48
CA ALA B 98 -42.33 -5.27 -9.34
C ALA B 98 -42.09 -5.79 -10.78
N GLY B 99 -40.83 -6.10 -11.10
CA GLY B 99 -40.49 -6.67 -12.45
C GLY B 99 -41.26 -7.97 -12.75
N PHE B 100 -41.56 -8.76 -11.69
CA PHE B 100 -42.28 -10.04 -11.84
C PHE B 100 -43.71 -9.75 -12.26
N GLN B 101 -44.20 -8.52 -12.06
CA GLN B 101 -45.52 -8.11 -12.55
C GLN B 101 -45.38 -7.17 -13.75
N ASP B 102 -44.27 -7.26 -14.45
CA ASP B 102 -44.00 -6.41 -15.60
C ASP B 102 -44.09 -4.88 -15.29
N SER B 103 -43.65 -4.47 -14.10
CA SER B 103 -43.65 -3.06 -13.76
C SER B 103 -42.27 -2.64 -13.22
N TYR B 104 -41.20 -3.17 -13.80
CA TYR B 104 -39.87 -3.00 -13.31
C TYR B 104 -39.53 -1.49 -13.41
N GLU B 105 -39.75 -0.91 -14.56
CA GLU B 105 -39.37 0.47 -14.77
C GLU B 105 -40.28 1.39 -13.97
N GLN B 106 -41.56 1.04 -13.86
CA GLN B 106 -42.46 1.88 -13.04
C GLN B 106 -42.01 1.95 -11.60
N MET B 107 -41.71 0.80 -11.02
CA MET B 107 -41.23 0.79 -9.67
C MET B 107 -39.84 1.49 -9.56
N LEU B 108 -38.92 1.27 -10.51
CA LEU B 108 -37.60 1.91 -10.43
C LEU B 108 -37.79 3.43 -10.39
N GLU B 109 -38.59 3.94 -11.31
CA GLU B 109 -38.80 5.34 -11.31
C GLU B 109 -39.53 5.82 -10.03
N ALA B 110 -40.49 5.05 -9.51
CA ALA B 110 -41.25 5.49 -8.29
C ALA B 110 -40.32 5.54 -7.08
N ILE B 111 -39.36 4.62 -6.98
CA ILE B 111 -38.37 4.70 -5.93
C ILE B 111 -37.42 5.90 -6.07
N GLN B 112 -36.92 6.12 -7.27
CA GLN B 112 -36.12 7.32 -7.52
C GLN B 112 -36.82 8.63 -7.09
N HIS B 113 -38.04 8.83 -7.62
CA HIS B 113 -38.91 10.01 -7.26
C HIS B 113 -39.21 10.08 -5.77
N ALA B 114 -39.46 8.95 -5.14
CA ALA B 114 -39.67 8.92 -3.73
C ALA B 114 -38.44 9.38 -2.97
N TYR B 115 -37.28 8.84 -3.30
CA TYR B 115 -35.99 9.18 -2.66
C TYR B 115 -35.55 10.60 -2.97
N TYR B 116 -35.49 10.93 -4.25
CA TYR B 116 -34.84 12.19 -4.71
C TYR B 116 -35.75 13.42 -4.81
N LEU B 117 -37.06 13.22 -4.88
CA LEU B 117 -38.00 14.34 -4.96
C LEU B 117 -38.94 14.37 -3.79
N ARG B 118 -39.42 13.21 -3.34
CA ARG B 118 -40.51 13.26 -2.35
C ARG B 118 -40.05 13.17 -0.89
N ALA B 119 -38.71 13.20 -0.66
CA ALA B 119 -38.12 13.14 0.68
C ALA B 119 -38.69 11.97 1.47
N MET B 120 -38.83 10.79 0.85
CA MET B 120 -39.32 9.56 1.50
C MET B 120 -38.14 8.55 1.69
N PRO B 121 -38.19 7.70 2.72
CA PRO B 121 -37.02 6.79 2.94
C PRO B 121 -37.05 5.63 1.91
N PRO B 122 -36.05 5.52 1.00
CA PRO B 122 -36.12 4.52 -0.04
C PRO B 122 -35.88 3.07 0.41
N HIS B 123 -35.29 2.87 1.57
CA HIS B 123 -34.98 1.53 2.06
C HIS B 123 -36.12 0.89 2.91
N GLU B 124 -37.20 1.64 3.19
CA GLU B 124 -38.20 1.21 4.16
C GLU B 124 -39.32 0.45 3.50
N GLU B 125 -39.68 -0.69 4.10
CA GLU B 125 -40.80 -1.50 3.63
C GLU B 125 -42.08 -0.65 3.40
N ALA B 126 -42.41 0.22 4.35
CA ALA B 126 -43.60 1.08 4.17
C ALA B 126 -43.50 1.90 2.86
N THR B 127 -42.32 2.40 2.46
CA THR B 127 -42.25 3.13 1.20
C THR B 127 -42.60 2.17 0.03
N HIS B 128 -42.02 0.98 0.07
CA HIS B 128 -42.19 0.06 -1.02
C HIS B 128 -43.64 -0.32 -1.21
N LEU B 129 -44.39 -0.53 -0.11
CA LEU B 129 -45.80 -0.93 -0.22
C LEU B 129 -46.66 0.17 -0.79
N GLN B 130 -46.45 1.39 -0.31
CA GLN B 130 -47.14 2.59 -0.85
C GLN B 130 -46.88 2.78 -2.34
N LEU B 131 -45.60 2.68 -2.75
CA LEU B 131 -45.31 2.76 -4.18
C LEU B 131 -45.97 1.59 -4.90
N ALA B 132 -45.96 0.39 -4.33
CA ALA B 132 -46.56 -0.74 -5.00
C ALA B 132 -48.08 -0.41 -5.29
N LYS B 133 -48.76 0.20 -4.33
CA LYS B 133 -50.13 0.56 -4.56
C LYS B 133 -50.19 1.71 -5.56
N GLU B 134 -49.39 2.75 -5.40
CA GLU B 134 -49.51 3.89 -6.35
C GLU B 134 -49.25 3.50 -7.83
N ILE B 135 -48.39 2.51 -8.10
CA ILE B 135 -48.12 2.17 -9.50
C ILE B 135 -49.10 1.07 -9.96
N GLY B 136 -50.07 0.71 -9.12
CA GLY B 136 -51.09 -0.28 -9.53
C GLY B 136 -50.65 -1.77 -9.47
N LEU B 137 -49.68 -2.15 -8.64
CA LEU B 137 -49.39 -3.63 -8.60
C LEU B 137 -50.53 -4.38 -7.91
N ASN B 138 -50.57 -5.72 -8.06
CA ASN B 138 -51.35 -6.51 -7.12
C ASN B 138 -50.46 -6.52 -5.84
N VAL B 139 -50.89 -5.82 -4.82
CA VAL B 139 -50.05 -5.54 -3.68
C VAL B 139 -49.76 -6.84 -2.87
N GLN B 140 -50.77 -7.66 -2.63
CA GLN B 140 -50.56 -8.95 -1.92
C GLN B 140 -49.53 -9.83 -2.70
N GLN B 141 -49.67 -9.91 -4.03
CA GLN B 141 -48.72 -10.70 -4.79
C GLN B 141 -47.33 -10.11 -4.60
N PHE B 142 -47.22 -8.79 -4.56
CA PHE B 142 -45.93 -8.12 -4.41
C PHE B 142 -45.36 -8.44 -3.02
N LYS B 143 -46.21 -8.41 -1.95
CA LYS B 143 -45.74 -8.83 -0.63
C LYS B 143 -45.31 -10.28 -0.65
N ASN B 144 -46.11 -11.18 -1.21
CA ASN B 144 -45.77 -12.60 -1.20
C ASN B 144 -44.36 -12.80 -1.83
N ASP B 145 -44.08 -12.05 -2.90
CA ASP B 145 -42.79 -12.18 -3.61
C ASP B 145 -41.64 -11.64 -2.80
N MET B 146 -41.82 -10.46 -2.22
CA MET B 146 -40.85 -9.90 -1.27
C MET B 146 -40.52 -10.79 -0.06
N ASP B 147 -41.48 -11.55 0.46
CA ASP B 147 -41.30 -12.43 1.58
C ASP B 147 -40.69 -13.77 1.22
N GLY B 148 -40.62 -14.17 -0.07
CA GLY B 148 -40.23 -15.55 -0.37
C GLY B 148 -38.73 -15.75 -0.60
N THR B 149 -38.34 -17.00 -0.52
CA THR B 149 -37.00 -17.36 -0.84
C THR B 149 -36.78 -17.40 -2.36
N LEU B 150 -37.83 -17.51 -3.19
CA LEU B 150 -37.58 -17.49 -4.67
C LEU B 150 -36.95 -16.14 -5.05
N LEU B 151 -37.56 -15.06 -4.60
CA LEU B 151 -37.03 -13.75 -4.93
C LEU B 151 -35.57 -13.51 -4.38
N GLU B 152 -35.25 -14.06 -3.20
CA GLU B 152 -33.94 -13.89 -2.64
C GLU B 152 -32.92 -14.56 -3.59
N GLY B 153 -33.21 -15.75 -4.13
CA GLY B 153 -32.33 -16.44 -5.09
C GLY B 153 -32.19 -15.60 -6.38
N VAL B 154 -33.29 -15.04 -6.89
CA VAL B 154 -33.17 -14.16 -8.13
C VAL B 154 -32.27 -12.97 -7.80
N PHE B 155 -32.53 -12.30 -6.70
CA PHE B 155 -31.70 -11.18 -6.29
C PHE B 155 -30.22 -11.56 -6.14
N GLN B 156 -29.93 -12.63 -5.40
CA GLN B 156 -28.53 -13.03 -5.31
C GLN B 156 -27.91 -13.31 -6.69
N ASP B 157 -28.68 -13.85 -7.65
CA ASP B 157 -28.16 -14.14 -9.00
C ASP B 157 -27.91 -12.83 -9.75
N GLN B 158 -28.71 -11.80 -9.50
CA GLN B 158 -28.40 -10.48 -10.09
C GLN B 158 -27.07 -9.92 -9.57
N LEU B 159 -26.81 -9.98 -8.26
CA LEU B 159 -25.58 -9.46 -7.66
C LEU B 159 -24.35 -10.17 -8.33
N SER B 160 -24.41 -11.47 -8.47
CA SER B 160 -23.26 -12.12 -8.97
C SER B 160 -23.20 -11.97 -10.52
N LEU B 161 -24.34 -11.84 -11.20
CA LEU B 161 -24.29 -11.51 -12.63
C LEU B 161 -23.60 -10.15 -12.83
N ALA B 162 -23.99 -9.12 -12.05
CA ALA B 162 -23.29 -7.83 -12.09
C ALA B 162 -21.73 -7.97 -11.96
N LYS B 163 -21.29 -8.79 -11.01
CA LYS B 163 -19.82 -9.01 -10.78
C LYS B 163 -19.19 -9.77 -11.93
N SER B 164 -19.87 -10.77 -12.44
CA SER B 164 -19.41 -11.49 -13.65
C SER B 164 -19.21 -10.56 -14.85
N LEU B 165 -20.01 -9.51 -14.91
CA LEU B 165 -20.03 -8.61 -16.05
C LEU B 165 -18.89 -7.64 -15.89
N GLY B 166 -18.19 -7.72 -14.76
CA GLY B 166 -16.99 -6.94 -14.49
C GLY B 166 -17.32 -5.57 -13.88
N VAL B 167 -18.52 -5.40 -13.33
CA VAL B 167 -18.99 -4.11 -12.85
C VAL B 167 -18.88 -3.95 -11.30
N ASN B 168 -18.28 -2.88 -10.81
CA ASN B 168 -18.27 -2.58 -9.35
C ASN B 168 -18.75 -1.12 -9.09
N SER B 169 -19.23 -0.43 -10.12
CA SER B 169 -19.77 0.92 -9.89
C SER B 169 -20.85 1.21 -10.92
N TYR B 170 -21.74 2.16 -10.64
CA TYR B 170 -23.01 2.28 -11.38
C TYR B 170 -23.12 3.71 -11.69
N PRO B 171 -23.73 4.05 -12.85
CA PRO B 171 -24.29 3.19 -13.85
C PRO B 171 -23.13 2.54 -14.65
N SER B 172 -23.33 1.32 -15.10
CA SER B 172 -22.43 0.77 -16.12
C SER B 172 -23.24 0.10 -17.21
N LEU B 173 -22.59 -0.09 -18.38
CA LEU B 173 -23.20 -0.75 -19.53
C LEU B 173 -22.26 -1.84 -20.00
N VAL B 174 -22.80 -3.00 -20.35
CA VAL B 174 -22.00 -4.02 -20.94
C VAL B 174 -22.81 -4.65 -22.07
N LEU B 175 -22.20 -4.70 -23.25
CA LEU B 175 -22.78 -5.28 -24.43
C LEU B 175 -22.37 -6.75 -24.52
N GLN B 176 -23.33 -7.67 -24.63
CA GLN B 176 -22.98 -9.03 -24.89
C GLN B 176 -23.27 -9.39 -26.33
N ILE B 177 -22.37 -10.08 -27.01
CA ILE B 177 -22.61 -10.53 -28.37
C ILE B 177 -22.26 -12.02 -28.35
N ASN B 178 -23.29 -12.88 -28.33
CA ASN B 178 -23.14 -14.35 -28.15
C ASN B 178 -22.39 -14.66 -26.88
N ASP B 179 -21.14 -15.14 -27.01
CA ASP B 179 -20.38 -15.51 -25.79
C ASP B 179 -19.35 -14.49 -25.26
N ALA B 180 -19.22 -13.35 -25.93
CA ALA B 180 -18.24 -12.28 -25.60
C ALA B 180 -18.94 -11.05 -24.98
N TYR B 181 -18.23 -10.23 -24.20
CA TYR B 181 -18.81 -9.11 -23.48
C TYR B 181 -17.87 -7.95 -23.74
N PHE B 182 -18.45 -6.75 -23.84
CA PHE B 182 -17.77 -5.49 -24.15
C PHE B 182 -18.27 -4.40 -23.24
N PRO B 183 -17.40 -3.82 -22.46
CA PRO B 183 -17.87 -2.72 -21.64
C PRO B 183 -18.12 -1.53 -22.55
N ILE B 184 -19.19 -0.80 -22.27
CA ILE B 184 -19.50 0.38 -23.07
C ILE B 184 -19.50 1.58 -22.16
N GLU B 185 -18.65 2.56 -22.46
CA GLU B 185 -18.59 3.74 -21.65
C GLU B 185 -19.91 4.52 -21.59
N VAL B 186 -20.21 5.06 -20.40
CA VAL B 186 -21.44 5.85 -20.18
C VAL B 186 -21.19 7.28 -20.56
N ASP B 187 -22.09 7.88 -21.33
CA ASP B 187 -22.01 9.31 -21.61
C ASP B 187 -23.28 9.87 -21.03
N TYR B 188 -23.13 10.71 -20.00
CA TYR B 188 -24.31 11.13 -19.19
C TYR B 188 -25.23 12.08 -19.95
N LEU B 189 -24.68 12.80 -20.91
CA LEU B 189 -25.45 13.83 -21.60
C LEU B 189 -25.95 13.43 -23.00
N SER B 190 -25.37 12.41 -23.58
CA SER B 190 -25.67 12.21 -24.96
C SER B 190 -25.65 10.74 -25.30
N THR B 191 -26.62 10.37 -26.09
CA THR B 191 -26.79 9.01 -26.57
C THR B 191 -25.87 8.67 -27.78
N GLU B 192 -25.51 9.67 -28.57
CA GLU B 192 -24.87 9.37 -29.86
C GLU B 192 -23.54 8.68 -29.72
N PRO B 193 -22.69 9.12 -28.77
CA PRO B 193 -21.43 8.36 -28.69
C PRO B 193 -21.61 6.90 -28.26
N THR B 194 -22.60 6.62 -27.43
CA THR B 194 -22.81 5.30 -26.92
C THR B 194 -23.36 4.34 -28.01
N LEU B 195 -24.31 4.81 -28.79
CA LEU B 195 -24.86 4.09 -29.92
C LEU B 195 -23.72 3.79 -30.94
N LYS B 196 -22.81 4.75 -31.17
CA LYS B 196 -21.70 4.48 -32.11
C LYS B 196 -20.76 3.41 -31.48
N LEU B 197 -20.47 3.48 -30.18
CA LEU B 197 -19.64 2.38 -29.61
C LEU B 197 -20.32 1.05 -29.85
N ILE B 198 -21.62 1.04 -29.63
CA ILE B 198 -22.41 -0.19 -29.73
C ILE B 198 -22.44 -0.77 -31.16
N ARG B 199 -22.81 0.04 -32.15
CA ARG B 199 -22.78 -0.42 -33.55
C ARG B 199 -21.40 -0.86 -34.02
N GLU B 200 -20.35 -0.14 -33.60
CA GLU B 200 -19.01 -0.53 -34.05
C GLU B 200 -18.68 -1.91 -33.50
N ARG B 201 -19.06 -2.22 -32.25
CA ARG B 201 -18.70 -3.54 -31.74
C ARG B 201 -19.50 -4.60 -32.43
N ILE B 202 -20.79 -4.38 -32.66
CA ILE B 202 -21.58 -5.41 -33.35
C ILE B 202 -20.99 -5.73 -34.72
N ILE B 203 -20.77 -4.71 -35.55
CA ILE B 203 -20.18 -4.93 -36.88
C ILE B 203 -18.79 -5.59 -36.83
N GLU B 204 -17.89 -5.16 -35.91
CA GLU B 204 -16.54 -5.78 -35.79
C GLU B 204 -16.69 -7.25 -35.50
N ASN B 205 -17.73 -7.62 -34.77
CA ASN B 205 -17.90 -9.02 -34.39
C ASN B 205 -18.82 -9.89 -35.21
N MET B 206 -19.09 -9.55 -36.47
CA MET B 206 -19.94 -10.36 -37.38
C MET B 206 -19.01 -11.12 -38.30
N MET C 1 37.18 -1.35 -44.80
CA MET C 1 37.54 -1.32 -43.35
C MET C 1 36.51 -2.12 -42.52
N ASN C 2 37.03 -3.12 -41.81
CA ASN C 2 36.28 -4.15 -41.09
C ASN C 2 36.22 -3.84 -39.54
N ILE C 3 35.04 -3.47 -39.07
CA ILE C 3 34.82 -3.02 -37.72
C ILE C 3 33.76 -3.88 -37.05
N LYS C 4 34.12 -4.42 -35.88
CA LYS C 4 33.23 -5.26 -35.08
C LYS C 4 33.25 -4.87 -33.60
N LEU C 5 32.10 -4.97 -32.96
CA LEU C 5 32.02 -4.90 -31.54
C LEU C 5 31.61 -6.26 -30.97
N TYR C 6 32.49 -6.84 -30.15
CA TYR C 6 32.22 -8.04 -29.40
C TYR C 6 31.69 -7.67 -28.05
N TYR C 7 30.52 -8.22 -27.76
CA TYR C 7 29.91 -8.15 -26.50
C TYR C 7 30.05 -9.57 -25.83
N VAL C 8 30.89 -9.65 -24.79
CA VAL C 8 31.17 -10.93 -24.17
C VAL C 8 30.38 -11.05 -22.89
N HIS C 9 29.61 -12.11 -22.73
CA HIS C 9 28.57 -12.13 -21.70
C HIS C 9 28.40 -13.61 -21.32
N ASP C 10 27.53 -13.85 -20.36
CA ASP C 10 27.11 -15.22 -20.04
C ASP C 10 25.61 -15.10 -19.63
N PRO C 11 24.71 -15.98 -20.14
CA PRO C 11 23.28 -15.88 -19.79
C PRO C 11 23.00 -15.88 -18.27
N MET C 12 23.90 -16.48 -17.49
CA MET C 12 23.74 -16.51 -16.01
C MET C 12 24.59 -15.47 -15.29
N CYS C 13 25.13 -14.50 -15.99
CA CYS C 13 25.86 -13.46 -15.36
C CYS C 13 24.89 -12.31 -14.94
N SER C 14 24.80 -12.03 -13.63
CA SER C 14 23.85 -11.06 -13.05
C SER C 14 24.10 -9.64 -13.54
N TRP C 15 25.36 -9.28 -13.65
CA TRP C 15 25.66 -7.93 -14.16
C TRP C 15 25.30 -7.77 -15.61
N CYS C 16 25.41 -8.84 -16.42
CA CYS C 16 24.91 -8.77 -17.80
C CYS C 16 23.41 -8.61 -17.87
N TRP C 17 22.71 -9.21 -16.91
CA TRP C 17 21.32 -8.98 -16.76
C TRP C 17 21.06 -7.51 -16.34
N GLY C 18 21.83 -6.94 -15.40
CA GLY C 18 21.59 -5.49 -15.19
C GLY C 18 21.89 -4.66 -16.43
N TYR C 19 22.88 -5.07 -17.23
CA TYR C 19 23.30 -4.26 -18.38
C TYR C 19 22.28 -4.35 -19.50
N LYS C 20 21.42 -5.38 -19.49
CA LYS C 20 20.50 -5.64 -20.63
C LYS C 20 19.84 -4.39 -21.29
N PRO C 21 19.17 -3.48 -20.51
CA PRO C 21 18.53 -2.37 -21.22
C PRO C 21 19.52 -1.47 -22.02
N THR C 22 20.71 -1.20 -21.49
CA THR C 22 21.70 -0.31 -22.12
C THR C 22 22.38 -1.00 -23.28
N ILE C 23 22.78 -2.26 -23.12
CA ILE C 23 23.47 -2.93 -24.27
C ILE C 23 22.47 -3.10 -25.42
N GLU C 24 21.19 -3.40 -25.12
CA GLU C 24 20.22 -3.44 -26.23
C GLU C 24 20.07 -2.07 -26.94
N LYS C 25 20.03 -0.95 -26.20
CA LYS C 25 19.98 0.38 -26.85
C LYS C 25 21.25 0.61 -27.65
N LEU C 26 22.40 0.25 -27.05
CA LEU C 26 23.67 0.39 -27.74
C LEU C 26 23.69 -0.35 -29.04
N LYS C 27 23.36 -1.64 -29.02
CA LYS C 27 23.27 -2.39 -30.26
C LYS C 27 22.40 -1.65 -31.32
N GLN C 28 21.33 -1.02 -30.87
CA GLN C 28 20.39 -0.38 -31.80
C GLN C 28 20.94 0.94 -32.37
N GLN C 29 21.85 1.63 -31.67
CA GLN C 29 22.29 2.95 -32.08
C GLN C 29 23.61 2.91 -32.82
N LEU C 30 24.24 1.77 -32.81
CA LEU C 30 25.56 1.63 -33.36
C LEU C 30 25.51 1.97 -34.86
N PRO C 31 26.45 2.80 -35.33
CA PRO C 31 26.54 3.03 -36.79
C PRO C 31 26.51 1.69 -37.54
N GLY C 32 25.83 1.66 -38.68
CA GLY C 32 25.62 0.42 -39.44
C GLY C 32 26.91 -0.22 -39.95
N VAL C 33 28.02 0.51 -40.11
CA VAL C 33 29.23 -0.25 -40.53
C VAL C 33 29.81 -1.22 -39.52
N ILE C 34 29.50 -1.06 -38.24
CA ILE C 34 29.95 -1.95 -37.19
C ILE C 34 29.11 -3.24 -37.08
N GLN C 35 29.73 -4.40 -37.21
CA GLN C 35 29.01 -5.60 -36.93
C GLN C 35 28.99 -5.82 -35.40
N PHE C 36 27.85 -6.15 -34.85
CA PHE C 36 27.73 -6.46 -33.44
C PHE C 36 27.78 -8.01 -33.32
N GLU C 37 28.63 -8.54 -32.44
CA GLU C 37 28.68 -9.95 -32.25
C GLU C 37 28.61 -10.35 -30.75
N TYR C 38 27.66 -11.20 -30.37
CA TYR C 38 27.65 -11.70 -29.00
C TYR C 38 28.69 -12.84 -28.89
N VAL C 39 29.39 -12.92 -27.76
CA VAL C 39 30.32 -14.00 -27.49
C VAL C 39 30.01 -14.54 -26.09
N VAL C 40 29.81 -15.82 -25.96
CA VAL C 40 29.55 -16.36 -24.64
C VAL C 40 30.88 -16.72 -23.98
N GLY C 41 31.15 -16.23 -22.78
CA GLY C 41 32.45 -16.41 -22.11
C GLY C 41 32.57 -17.65 -21.21
N GLY C 42 31.43 -18.26 -20.82
CA GLY C 42 31.45 -19.53 -20.06
C GLY C 42 31.87 -19.26 -18.61
N LEU C 43 30.97 -18.66 -17.85
CA LEU C 43 31.29 -18.19 -16.51
C LEU C 43 31.71 -19.36 -15.58
N ALA C 44 31.04 -20.51 -15.69
CA ALA C 44 31.36 -21.68 -14.80
C ALA C 44 31.15 -22.98 -15.50
N PRO C 45 32.13 -23.91 -15.40
CA PRO C 45 32.08 -25.13 -16.22
C PRO C 45 31.00 -26.08 -15.76
N ASP C 46 30.85 -27.21 -16.46
CA ASP C 46 29.80 -28.19 -16.16
C ASP C 46 30.10 -28.81 -14.83
N THR C 47 29.09 -28.83 -13.98
CA THR C 47 29.16 -29.57 -12.70
C THR C 47 27.72 -29.75 -12.25
N ASN C 48 27.45 -30.78 -11.43
CA ASN C 48 26.13 -30.93 -10.80
C ASN C 48 26.20 -30.73 -9.31
N LEU C 49 27.35 -30.36 -8.79
CA LEU C 49 27.46 -30.24 -7.33
C LEU C 49 26.58 -29.04 -6.84
N PRO C 50 25.78 -29.20 -5.74
CA PRO C 50 24.90 -28.12 -5.28
C PRO C 50 25.80 -26.94 -4.81
N MET C 51 25.44 -25.69 -5.15
CA MET C 51 26.13 -24.47 -4.63
C MET C 51 26.07 -24.41 -3.08
N PRO C 52 27.21 -24.20 -2.39
CA PRO C 52 27.14 -24.15 -0.92
C PRO C 52 26.51 -22.86 -0.42
N PRO C 53 25.96 -22.88 0.79
CA PRO C 53 25.18 -21.76 1.31
C PRO C 53 25.97 -20.44 1.34
N GLU C 54 27.27 -20.42 1.61
CA GLU C 54 27.99 -19.13 1.62
C GLU C 54 28.00 -18.49 0.23
N MET C 55 28.24 -19.30 -0.82
CA MET C 55 28.21 -18.79 -2.16
C MET C 55 26.75 -18.35 -2.49
N GLN C 56 25.74 -19.14 -2.12
CA GLN C 56 24.37 -18.64 -2.42
C GLN C 56 24.14 -17.25 -1.79
N GLN C 57 24.57 -17.07 -0.55
CA GLN C 57 24.38 -15.81 0.15
C GLN C 57 25.14 -14.66 -0.54
N LYS C 58 26.39 -14.94 -0.94
CA LYS C 58 27.19 -13.99 -1.70
C LYS C 58 26.47 -13.53 -2.97
N LEU C 59 25.92 -14.48 -3.72
CA LEU C 59 25.35 -14.10 -5.02
C LEU C 59 24.05 -13.34 -4.85
N GLU C 60 23.22 -13.78 -3.91
CA GLU C 60 22.01 -13.06 -3.65
C GLU C 60 22.34 -11.63 -3.22
N GLY C 61 23.41 -11.47 -2.42
CA GLY C 61 23.81 -10.13 -2.01
C GLY C 61 24.18 -9.27 -3.22
N ILE C 62 24.75 -9.86 -4.26
CA ILE C 62 25.15 -9.13 -5.46
C ILE C 62 23.88 -8.70 -6.27
N TRP C 63 22.90 -9.61 -6.39
CA TRP C 63 21.59 -9.21 -6.91
C TRP C 63 21.10 -7.93 -6.21
N LYS C 64 21.10 -7.88 -4.90
CA LYS C 64 20.67 -6.66 -4.19
C LYS C 64 21.52 -5.40 -4.58
N GLN C 65 22.83 -5.55 -4.77
CA GLN C 65 23.67 -4.41 -5.20
C GLN C 65 23.22 -3.97 -6.54
N ILE C 66 22.89 -4.92 -7.41
CA ILE C 66 22.50 -4.58 -8.77
C ILE C 66 21.18 -3.82 -8.82
N GLU C 67 20.21 -4.33 -8.09
CA GLU C 67 18.95 -3.67 -7.93
C GLU C 67 19.18 -2.22 -7.39
N THR C 68 20.08 -2.05 -6.44
CA THR C 68 20.32 -0.72 -5.89
C THR C 68 20.96 0.24 -6.93
N GLN C 69 22.04 -0.22 -7.56
CA GLN C 69 22.70 0.62 -8.57
C GLN C 69 21.92 0.87 -9.86
N LEU C 70 21.22 -0.14 -10.38
CA LEU C 70 20.69 -0.07 -11.71
C LEU C 70 19.17 -0.08 -11.75
N GLY C 71 18.48 -0.40 -10.63
CA GLY C 71 17.02 -0.51 -10.67
C GLY C 71 16.56 -1.86 -11.27
N THR C 72 17.50 -2.75 -11.59
CA THR C 72 17.20 -4.07 -12.11
C THR C 72 16.21 -4.91 -11.28
N LYS C 73 15.30 -5.64 -11.94
CA LYS C 73 14.27 -6.49 -11.27
C LYS C 73 14.82 -7.85 -10.92
N PHE C 74 14.58 -8.32 -9.69
CA PHE C 74 14.82 -9.74 -9.38
C PHE C 74 13.69 -10.34 -8.58
N ASN C 75 13.43 -11.63 -8.76
CA ASN C 75 12.53 -12.34 -7.85
C ASN C 75 13.51 -13.13 -6.94
N TYR C 76 13.73 -12.63 -5.74
CA TYR C 76 14.68 -13.25 -4.80
C TYR C 76 14.27 -14.67 -4.36
N ASP C 77 13.02 -15.07 -4.56
CA ASP C 77 12.59 -16.42 -4.29
C ASP C 77 13.35 -17.50 -5.01
N PHE C 78 14.06 -17.15 -6.11
CA PHE C 78 14.95 -18.15 -6.70
C PHE C 78 15.78 -18.88 -5.61
N TRP C 79 16.34 -18.12 -4.67
CA TRP C 79 17.25 -18.61 -3.63
C TRP C 79 16.53 -19.53 -2.58
N LYS C 80 15.21 -19.43 -2.43
CA LYS C 80 14.47 -20.33 -1.55
C LYS C 80 13.92 -21.53 -2.32
N LEU C 81 13.50 -21.36 -3.56
CA LEU C 81 12.73 -22.41 -4.29
C LEU C 81 13.60 -23.39 -5.09
N CYS C 82 14.75 -22.97 -5.57
CA CYS C 82 15.58 -23.82 -6.42
C CYS C 82 16.76 -24.36 -5.62
N THR C 83 17.44 -25.38 -6.16
CA THR C 83 18.70 -25.82 -5.63
C THR C 83 19.79 -25.28 -6.58
N PRO C 84 20.32 -24.09 -6.31
CA PRO C 84 21.32 -23.46 -7.19
C PRO C 84 22.55 -24.34 -7.42
N VAL C 85 23.10 -24.24 -8.60
CA VAL C 85 24.31 -25.01 -9.00
C VAL C 85 25.21 -24.00 -9.77
N ARG C 86 26.50 -23.84 -9.40
CA ARG C 86 27.35 -22.85 -10.05
C ARG C 86 27.84 -23.48 -11.38
N SER C 87 27.02 -23.43 -12.44
CA SER C 87 27.38 -24.12 -13.70
C SER C 87 26.65 -23.39 -14.80
N THR C 88 27.38 -22.77 -15.72
CA THR C 88 26.69 -21.94 -16.72
C THR C 88 26.89 -22.46 -18.16
N TYR C 89 27.72 -23.50 -18.39
CA TYR C 89 28.00 -23.90 -19.80
C TYR C 89 26.71 -24.34 -20.54
N GLN C 90 25.85 -25.04 -19.82
CA GLN C 90 24.63 -25.58 -20.46
C GLN C 90 23.72 -24.45 -20.99
N SER C 91 23.56 -23.40 -20.20
CA SER C 91 22.78 -22.24 -20.68
C SER C 91 23.45 -21.50 -21.84
N CYS C 92 24.81 -21.44 -21.86
CA CYS C 92 25.51 -20.97 -23.04
C CYS C 92 25.24 -21.81 -24.29
N ARG C 93 25.31 -23.12 -24.18
CA ARG C 93 24.95 -24.00 -25.25
C ARG C 93 23.52 -23.74 -25.71
N ALA C 94 22.61 -23.53 -24.76
CA ALA C 94 21.22 -23.31 -25.14
C ALA C 94 21.04 -22.07 -26.02
N VAL C 95 21.65 -20.92 -25.64
CA VAL C 95 21.54 -19.73 -26.50
C VAL C 95 22.15 -19.94 -27.86
N ILE C 96 23.31 -20.61 -27.93
CA ILE C 96 23.89 -20.93 -29.25
C ILE C 96 22.94 -21.83 -30.07
N ALA C 97 22.41 -22.90 -29.48
CA ALA C 97 21.51 -23.78 -30.27
C ALA C 97 20.29 -23.01 -30.73
N ALA C 98 19.81 -22.09 -29.90
CA ALA C 98 18.65 -21.28 -30.28
C ALA C 98 19.00 -20.35 -31.46
N GLY C 99 20.22 -19.87 -31.48
CA GLY C 99 20.71 -19.00 -32.54
C GLY C 99 20.88 -19.78 -33.86
N PHE C 100 21.03 -21.12 -33.81
CA PHE C 100 20.97 -21.91 -35.07
C PHE C 100 19.58 -21.78 -35.71
N GLN C 101 18.55 -21.39 -34.95
CA GLN C 101 17.23 -21.18 -35.52
C GLN C 101 16.88 -19.68 -35.46
N ASP C 102 17.88 -18.79 -35.56
CA ASP C 102 17.63 -17.34 -35.61
C ASP C 102 16.95 -16.77 -34.34
N SER C 103 17.15 -17.39 -33.18
CA SER C 103 16.47 -16.96 -31.97
C SER C 103 17.43 -16.80 -30.81
N TYR C 104 18.66 -16.35 -31.12
CA TYR C 104 19.68 -16.16 -30.11
C TYR C 104 19.17 -15.23 -28.99
N GLU C 105 18.63 -14.08 -29.37
CA GLU C 105 18.33 -13.02 -28.42
C GLU C 105 17.06 -13.38 -27.65
N GLN C 106 16.14 -14.06 -28.31
CA GLN C 106 14.87 -14.50 -27.69
C GLN C 106 15.20 -15.56 -26.66
N MET C 107 16.10 -16.50 -26.98
CA MET C 107 16.46 -17.48 -25.91
C MET C 107 17.29 -16.85 -24.74
N LEU C 108 18.23 -15.95 -25.06
CA LEU C 108 19.00 -15.28 -24.05
C LEU C 108 18.00 -14.60 -23.08
N GLU C 109 17.02 -13.86 -23.63
CA GLU C 109 16.09 -13.18 -22.76
C GLU C 109 15.20 -14.16 -22.01
N ALA C 110 14.77 -15.23 -22.65
CA ALA C 110 13.98 -16.22 -21.97
C ALA C 110 14.76 -16.87 -20.79
N ILE C 111 16.09 -17.08 -20.94
CA ILE C 111 16.90 -17.65 -19.86
C ILE C 111 17.05 -16.62 -18.72
N GLN C 112 17.32 -15.36 -19.05
CA GLN C 112 17.39 -14.30 -18.03
C GLN C 112 16.04 -14.18 -17.25
N HIS C 113 14.90 -14.19 -17.95
CA HIS C 113 13.63 -14.10 -17.23
C HIS C 113 13.37 -15.35 -16.34
N ALA C 114 13.70 -16.53 -16.85
CA ALA C 114 13.54 -17.76 -16.12
C ALA C 114 14.35 -17.73 -14.82
N TYR C 115 15.61 -17.32 -14.90
CA TYR C 115 16.52 -17.35 -13.78
C TYR C 115 16.14 -16.21 -12.79
N TYR C 116 16.00 -14.98 -13.26
CA TYR C 116 16.00 -13.82 -12.32
C TYR C 116 14.59 -13.43 -11.97
N LEU C 117 13.61 -13.95 -12.70
CA LEU C 117 12.22 -13.55 -12.43
C LEU C 117 11.30 -14.71 -12.16
N ARG C 118 11.47 -15.82 -12.85
CA ARG C 118 10.47 -16.94 -12.69
C ARG C 118 10.90 -17.94 -11.67
N ALA C 119 12.05 -17.70 -11.08
CA ALA C 119 12.67 -18.64 -10.12
C ALA C 119 12.77 -20.06 -10.67
N MET C 120 13.25 -20.21 -11.88
CA MET C 120 13.45 -21.53 -12.48
C MET C 120 14.98 -21.81 -12.51
N PRO C 121 15.43 -23.09 -12.44
CA PRO C 121 16.84 -23.39 -12.44
C PRO C 121 17.42 -23.23 -13.86
N PRO C 122 18.27 -22.24 -14.06
CA PRO C 122 18.79 -21.90 -15.38
C PRO C 122 19.82 -22.91 -15.91
N HIS C 123 20.31 -23.82 -15.06
CA HIS C 123 21.30 -24.79 -15.51
C HIS C 123 20.66 -26.09 -15.97
N GLU C 124 19.36 -26.33 -15.70
CA GLU C 124 18.71 -27.65 -15.95
C GLU C 124 18.24 -27.76 -17.41
N GLU C 125 18.47 -28.91 -17.99
CA GLU C 125 18.12 -29.06 -19.38
C GLU C 125 16.58 -29.03 -19.55
N ALA C 126 15.79 -29.44 -18.55
CA ALA C 126 14.36 -29.32 -18.60
C ALA C 126 13.90 -27.84 -18.72
N THR C 127 14.61 -26.95 -18.02
CA THR C 127 14.31 -25.52 -18.17
C THR C 127 14.53 -25.13 -19.65
N HIS C 128 15.68 -25.49 -20.23
CA HIS C 128 16.02 -25.04 -21.61
C HIS C 128 14.98 -25.62 -22.58
N LEU C 129 14.57 -26.87 -22.39
CA LEU C 129 13.53 -27.43 -23.27
C LEU C 129 12.18 -26.69 -23.15
N GLN C 130 11.80 -26.33 -21.94
CA GLN C 130 10.55 -25.59 -21.81
C GLN C 130 10.65 -24.21 -22.45
N LEU C 131 11.73 -23.49 -22.21
CA LEU C 131 11.90 -22.19 -22.87
C LEU C 131 11.89 -22.30 -24.40
N ALA C 132 12.55 -23.33 -24.91
CA ALA C 132 12.62 -23.54 -26.38
C ALA C 132 11.20 -23.70 -26.94
N LYS C 133 10.38 -24.47 -26.26
CA LYS C 133 8.98 -24.54 -26.63
C LYS C 133 8.23 -23.20 -26.54
N GLU C 134 8.44 -22.44 -25.46
CA GLU C 134 7.72 -21.16 -25.24
C GLU C 134 8.09 -20.14 -26.29
N ILE C 135 9.35 -20.09 -26.67
CA ILE C 135 9.73 -19.07 -27.67
C ILE C 135 9.44 -19.53 -29.07
N GLY C 136 8.79 -20.69 -29.21
CA GLY C 136 8.43 -21.16 -30.57
C GLY C 136 9.50 -21.86 -31.41
N LEU C 137 10.52 -22.45 -30.79
CA LEU C 137 11.50 -23.20 -31.57
C LEU C 137 10.95 -24.52 -32.10
N ASN C 138 11.61 -25.10 -33.10
CA ASN C 138 11.38 -26.53 -33.40
C ASN C 138 12.12 -27.30 -32.28
N VAL C 139 11.40 -27.86 -31.31
CA VAL C 139 11.99 -28.44 -30.09
C VAL C 139 12.90 -29.68 -30.37
N GLN C 140 12.45 -30.55 -31.26
CA GLN C 140 13.25 -31.69 -31.66
C GLN C 140 14.58 -31.24 -32.31
N GLN C 141 14.55 -30.25 -33.23
CA GLN C 141 15.74 -29.72 -33.81
C GLN C 141 16.67 -29.14 -32.74
N PHE C 142 16.11 -28.41 -31.78
CA PHE C 142 16.84 -27.87 -30.65
C PHE C 142 17.56 -28.96 -29.88
N LYS C 143 16.86 -30.05 -29.50
CA LYS C 143 17.58 -31.15 -28.84
C LYS C 143 18.64 -31.81 -29.73
N ASN C 144 18.35 -32.04 -31.02
CA ASN C 144 19.37 -32.57 -31.94
C ASN C 144 20.61 -31.66 -31.94
N ASP C 145 20.42 -30.33 -31.95
CA ASP C 145 21.53 -29.41 -32.08
C ASP C 145 22.35 -29.43 -30.82
N MET C 146 21.68 -29.41 -29.67
CA MET C 146 22.34 -29.46 -28.34
C MET C 146 23.16 -30.71 -28.15
N ASP C 147 22.81 -31.75 -28.85
CA ASP C 147 23.53 -32.97 -28.78
C ASP C 147 24.62 -33.21 -29.83
N GLY C 148 24.85 -32.28 -30.74
CA GLY C 148 25.65 -32.64 -31.95
C GLY C 148 27.05 -32.09 -31.82
N THR C 149 27.97 -32.58 -32.65
CA THR C 149 29.34 -32.07 -32.58
C THR C 149 29.48 -30.63 -33.01
N LEU C 150 28.61 -30.17 -33.90
CA LEU C 150 28.75 -28.80 -34.42
C LEU C 150 28.52 -27.76 -33.32
N LEU C 151 27.48 -27.96 -32.52
CA LEU C 151 27.27 -27.01 -31.45
C LEU C 151 28.45 -27.05 -30.47
N GLU C 152 28.92 -28.25 -30.13
CA GLU C 152 30.03 -28.32 -29.15
C GLU C 152 31.27 -27.60 -29.66
N GLY C 153 31.56 -27.73 -30.93
CA GLY C 153 32.71 -27.06 -31.49
C GLY C 153 32.56 -25.54 -31.48
N VAL C 154 31.38 -25.05 -31.89
CA VAL C 154 31.06 -23.63 -31.90
C VAL C 154 31.13 -23.07 -30.46
N PHE C 155 30.57 -23.78 -29.50
CA PHE C 155 30.70 -23.41 -28.10
C PHE C 155 32.16 -23.36 -27.60
N GLN C 156 32.90 -24.45 -27.75
CA GLN C 156 34.34 -24.44 -27.45
C GLN C 156 35.08 -23.26 -28.07
N ASP C 157 34.82 -22.94 -29.33
CA ASP C 157 35.47 -21.83 -29.97
C ASP C 157 35.06 -20.48 -29.38
N GLN C 158 33.80 -20.36 -28.94
CA GLN C 158 33.41 -19.11 -28.18
C GLN C 158 34.28 -18.86 -26.94
N LEU C 159 34.46 -19.92 -26.16
CA LEU C 159 35.27 -19.88 -24.96
C LEU C 159 36.66 -19.43 -25.35
N SER C 160 37.21 -19.99 -26.46
CA SER C 160 38.58 -19.63 -26.92
C SER C 160 38.63 -18.19 -27.34
N LEU C 161 37.59 -17.76 -28.03
CA LEU C 161 37.57 -16.39 -28.55
C LEU C 161 37.50 -15.40 -27.39
N ALA C 162 36.61 -15.67 -26.42
CA ALA C 162 36.48 -14.77 -25.27
C ALA C 162 37.85 -14.68 -24.59
N LYS C 163 38.54 -15.81 -24.40
CA LYS C 163 39.88 -15.75 -23.82
C LYS C 163 40.91 -15.05 -24.72
N SER C 164 40.92 -15.36 -26.01
CA SER C 164 41.89 -14.66 -26.84
C SER C 164 41.68 -13.17 -26.92
N LEU C 165 40.46 -12.69 -26.71
CA LEU C 165 40.16 -11.25 -26.62
C LEU C 165 40.60 -10.65 -25.28
N GLY C 166 41.16 -11.42 -24.35
CA GLY C 166 41.63 -10.85 -23.07
C GLY C 166 40.47 -10.70 -22.06
N VAL C 167 39.33 -11.37 -22.29
CA VAL C 167 38.18 -11.20 -21.38
C VAL C 167 38.09 -12.34 -20.34
N ASN C 168 38.19 -11.96 -19.07
CA ASN C 168 38.02 -12.89 -17.92
C ASN C 168 36.77 -12.49 -17.08
N SER C 169 36.00 -11.53 -17.53
CA SER C 169 35.02 -10.95 -16.59
C SER C 169 33.86 -10.36 -17.41
N TYR C 170 32.62 -10.39 -16.96
CA TYR C 170 31.45 -10.08 -17.83
C TYR C 170 30.52 -9.06 -17.17
N PRO C 171 29.85 -8.21 -17.93
CA PRO C 171 29.90 -7.98 -19.39
C PRO C 171 31.23 -7.31 -19.82
N SER C 172 31.75 -7.60 -21.03
CA SER C 172 32.85 -6.76 -21.50
C SER C 172 32.58 -6.46 -22.96
N LEU C 173 33.26 -5.41 -23.45
CA LEU C 173 33.18 -4.96 -24.85
C LEU C 173 34.54 -4.95 -25.42
N VAL C 174 34.72 -5.48 -26.62
CA VAL C 174 35.99 -5.33 -27.28
C VAL C 174 35.66 -4.85 -28.70
N LEU C 175 36.26 -3.73 -29.11
CA LEU C 175 36.13 -3.24 -30.48
C LEU C 175 37.26 -3.74 -31.42
N GLN C 176 36.91 -4.39 -32.54
CA GLN C 176 37.90 -4.79 -33.54
C GLN C 176 37.84 -3.82 -34.76
N ILE C 177 39.02 -3.37 -35.21
CA ILE C 177 39.15 -2.49 -36.39
C ILE C 177 40.26 -3.15 -37.18
N ASN C 178 39.88 -3.83 -38.26
CA ASN C 178 40.79 -4.69 -39.05
C ASN C 178 41.52 -5.69 -38.17
N ASP C 179 42.84 -5.59 -38.03
CA ASP C 179 43.55 -6.52 -37.15
C ASP C 179 43.82 -6.01 -35.72
N ALA C 180 43.34 -4.82 -35.34
CA ALA C 180 43.59 -4.30 -33.99
C ALA C 180 42.31 -4.42 -33.13
N TYR C 181 42.51 -4.63 -31.81
CA TYR C 181 41.44 -4.86 -30.78
C TYR C 181 41.58 -3.82 -29.69
N PHE C 182 40.48 -3.23 -29.24
CA PHE C 182 40.52 -2.20 -28.24
C PHE C 182 39.41 -2.52 -27.20
N PRO C 183 39.79 -2.62 -25.93
CA PRO C 183 38.77 -2.80 -24.87
C PRO C 183 37.97 -1.52 -24.80
N ILE C 184 36.66 -1.65 -24.62
CA ILE C 184 35.82 -0.48 -24.52
C ILE C 184 35.13 -0.62 -23.17
N GLU C 185 35.23 0.40 -22.33
CA GLU C 185 34.68 0.36 -20.99
C GLU C 185 33.12 0.31 -21.04
N VAL C 186 32.53 -0.50 -20.19
CA VAL C 186 31.09 -0.65 -20.05
C VAL C 186 30.52 0.47 -19.19
N ASP C 187 29.47 1.14 -19.69
CA ASP C 187 28.69 2.10 -18.85
C ASP C 187 27.27 1.53 -18.72
N TYR C 188 26.90 1.15 -17.51
CA TYR C 188 25.65 0.42 -17.29
C TYR C 188 24.41 1.27 -17.50
N LEU C 189 24.50 2.59 -17.27
CA LEU C 189 23.35 3.45 -17.33
C LEU C 189 23.10 4.23 -18.64
N SER C 190 24.15 4.38 -19.47
CA SER C 190 24.02 5.28 -20.63
C SER C 190 24.84 4.78 -21.82
N THR C 191 24.28 4.88 -23.01
CA THR C 191 25.04 4.50 -24.20
C THR C 191 26.00 5.60 -24.73
N GLU C 192 25.75 6.86 -24.35
CA GLU C 192 26.53 7.97 -24.90
C GLU C 192 28.02 7.91 -24.71
N PRO C 193 28.47 7.70 -23.47
CA PRO C 193 29.93 7.63 -23.29
C PRO C 193 30.57 6.51 -24.14
N THR C 194 29.86 5.39 -24.28
CA THR C 194 30.39 4.20 -24.96
C THR C 194 30.41 4.47 -26.45
N LEU C 195 29.34 5.04 -26.99
CA LEU C 195 29.37 5.38 -28.41
C LEU C 195 30.49 6.40 -28.70
N LYS C 196 30.72 7.33 -27.78
CA LYS C 196 31.80 8.32 -27.90
C LYS C 196 33.15 7.63 -28.06
N LEU C 197 33.45 6.73 -27.11
CA LEU C 197 34.72 5.98 -27.15
C LEU C 197 34.89 5.21 -28.44
N ILE C 198 33.82 4.59 -28.91
CA ILE C 198 33.87 3.75 -30.13
C ILE C 198 34.14 4.63 -31.35
N ARG C 199 33.37 5.73 -31.46
CA ARG C 199 33.55 6.68 -32.54
C ARG C 199 34.95 7.29 -32.49
N GLU C 200 35.48 7.65 -31.30
CA GLU C 200 36.81 8.32 -31.33
C GLU C 200 37.87 7.31 -31.69
N ARG C 201 37.67 6.09 -31.25
CA ARG C 201 38.60 5.04 -31.51
C ARG C 201 38.68 4.74 -33.03
N ILE C 202 37.55 4.71 -33.71
CA ILE C 202 37.56 4.45 -35.14
C ILE C 202 38.28 5.56 -35.89
N ILE C 203 38.06 6.81 -35.52
CA ILE C 203 38.69 7.90 -36.29
C ILE C 203 40.17 7.94 -36.05
N GLU C 204 40.62 7.69 -34.82
CA GLU C 204 42.06 7.59 -34.47
C GLU C 204 42.80 6.49 -35.25
N ASN C 205 42.08 5.44 -35.65
CA ASN C 205 42.63 4.38 -36.49
C ASN C 205 42.44 4.48 -38.01
N MET C 206 42.09 5.68 -38.49
CA MET C 206 42.21 5.94 -39.89
C MET C 206 43.48 6.79 -40.15
N MET D 1 16.48 -47.53 -41.45
CA MET D 1 17.59 -47.31 -42.44
C MET D 1 17.92 -45.82 -42.70
N ASN D 2 18.84 -45.29 -41.90
CA ASN D 2 19.40 -43.96 -42.16
C ASN D 2 20.75 -44.16 -42.89
N ILE D 3 20.77 -43.85 -44.19
CA ILE D 3 21.89 -44.15 -45.07
C ILE D 3 22.46 -42.91 -45.66
N LYS D 4 23.75 -42.71 -45.51
CA LYS D 4 24.30 -41.47 -46.01
C LYS D 4 25.63 -41.76 -46.70
N LEU D 5 25.85 -41.19 -47.87
CA LEU D 5 27.18 -41.23 -48.51
C LEU D 5 27.90 -39.88 -48.31
N TYR D 6 29.00 -39.93 -47.57
CA TYR D 6 29.85 -38.77 -47.41
C TYR D 6 30.92 -38.73 -48.50
N TYR D 7 31.02 -37.57 -49.14
CA TYR D 7 32.02 -37.33 -50.12
C TYR D 7 33.00 -36.29 -49.53
N VAL D 8 34.20 -36.73 -49.20
CA VAL D 8 35.13 -35.86 -48.41
C VAL D 8 36.14 -35.35 -49.42
N HIS D 9 36.26 -34.02 -49.48
CA HIS D 9 36.90 -33.40 -50.67
C HIS D 9 37.57 -32.10 -50.21
N ASP D 10 38.33 -31.50 -51.13
CA ASP D 10 38.81 -30.15 -50.89
C ASP D 10 38.68 -29.40 -52.23
N PRO D 11 38.21 -28.13 -52.23
CA PRO D 11 38.08 -27.35 -53.50
C PRO D 11 39.37 -27.24 -54.29
N MET D 12 40.53 -27.25 -53.59
CA MET D 12 41.82 -27.11 -54.19
C MET D 12 42.58 -28.47 -54.33
N CYS D 13 41.83 -29.57 -54.27
CA CYS D 13 42.41 -30.87 -54.48
C CYS D 13 42.33 -31.27 -55.96
N SER D 14 43.48 -31.40 -56.61
CA SER D 14 43.56 -31.78 -58.03
C SER D 14 42.80 -33.02 -58.42
N TRP D 15 42.98 -34.07 -57.62
CA TRP D 15 42.32 -35.32 -57.89
C TRP D 15 40.80 -35.18 -57.71
N CYS D 16 40.30 -34.33 -56.85
CA CYS D 16 38.87 -34.11 -56.75
C CYS D 16 38.36 -33.43 -58.02
N TRP D 17 39.16 -32.50 -58.54
CA TRP D 17 38.85 -31.85 -59.81
C TRP D 17 38.87 -32.95 -60.89
N GLY D 18 39.85 -33.84 -60.86
CA GLY D 18 39.85 -34.96 -61.82
C GLY D 18 38.61 -35.81 -61.67
N TYR D 19 38.16 -36.02 -60.42
CA TYR D 19 36.99 -36.91 -60.16
C TYR D 19 35.64 -36.27 -60.50
N LYS D 20 35.58 -34.95 -60.54
CA LYS D 20 34.32 -34.24 -60.72
C LYS D 20 33.24 -34.85 -61.67
N PRO D 21 33.52 -35.18 -62.95
CA PRO D 21 32.35 -35.64 -63.72
C PRO D 21 31.75 -36.98 -63.20
N THR D 22 32.60 -37.85 -62.64
CA THR D 22 32.15 -39.16 -62.16
C THR D 22 31.39 -38.98 -60.86
N ILE D 23 31.90 -38.17 -59.94
CA ILE D 23 31.17 -37.95 -58.64
C ILE D 23 29.82 -37.28 -58.88
N GLU D 24 29.74 -36.32 -59.78
CA GLU D 24 28.43 -35.74 -60.12
C GLU D 24 27.47 -36.75 -60.71
N LYS D 25 27.99 -37.60 -61.57
CA LYS D 25 27.16 -38.63 -62.16
C LYS D 25 26.72 -39.61 -61.04
N LEU D 26 27.60 -39.98 -60.11
CA LEU D 26 27.25 -40.88 -59.02
C LEU D 26 26.18 -40.28 -58.13
N LYS D 27 26.32 -38.98 -57.81
CA LYS D 27 25.35 -38.27 -57.03
C LYS D 27 23.99 -38.33 -57.73
N GLN D 28 23.97 -38.08 -59.04
CA GLN D 28 22.75 -38.29 -59.89
C GLN D 28 22.16 -39.68 -59.86
N GLN D 29 22.99 -40.71 -59.81
CA GLN D 29 22.48 -42.10 -59.84
C GLN D 29 22.15 -42.76 -58.50
N LEU D 30 22.55 -42.18 -57.36
CA LEU D 30 22.26 -42.84 -56.08
C LEU D 30 20.76 -42.99 -55.87
N PRO D 31 20.32 -44.18 -55.46
CA PRO D 31 18.93 -44.40 -55.11
C PRO D 31 18.49 -43.37 -54.10
N GLY D 32 17.25 -42.93 -54.20
CA GLY D 32 16.71 -41.89 -53.35
C GLY D 32 16.88 -42.10 -51.86
N VAL D 33 16.98 -43.34 -51.38
CA VAL D 33 17.14 -43.51 -49.96
C VAL D 33 18.49 -42.96 -49.43
N ILE D 34 19.49 -42.82 -50.28
CA ILE D 34 20.84 -42.51 -49.76
C ILE D 34 20.98 -40.99 -49.73
N GLN D 35 21.30 -40.40 -48.59
CA GLN D 35 21.61 -38.96 -48.56
C GLN D 35 23.05 -38.79 -48.98
N PHE D 36 23.30 -37.75 -49.74
CA PHE D 36 24.63 -37.42 -50.18
C PHE D 36 25.03 -36.23 -49.34
N GLU D 37 26.24 -36.22 -48.77
CA GLU D 37 26.70 -35.11 -47.97
C GLU D 37 28.16 -34.77 -48.31
N TYR D 38 28.42 -33.53 -48.75
CA TYR D 38 29.78 -33.05 -48.93
C TYR D 38 30.46 -32.75 -47.61
N VAL D 39 31.73 -33.09 -47.49
CA VAL D 39 32.48 -32.68 -46.35
C VAL D 39 33.79 -32.10 -46.84
N VAL D 40 34.14 -30.87 -46.42
CA VAL D 40 35.52 -30.38 -46.67
C VAL D 40 36.56 -30.96 -45.71
N GLY D 41 37.67 -31.44 -46.24
CA GLY D 41 38.65 -32.17 -45.41
C GLY D 41 39.84 -31.31 -45.04
N GLY D 42 40.06 -30.21 -45.77
CA GLY D 42 41.02 -29.21 -45.39
C GLY D 42 42.44 -29.66 -45.69
N LEU D 43 42.77 -29.63 -46.96
CA LEU D 43 44.01 -30.22 -47.46
C LEU D 43 45.24 -29.52 -46.86
N ALA D 44 45.22 -28.20 -46.70
CA ALA D 44 46.41 -27.53 -46.12
C ALA D 44 45.96 -26.30 -45.41
N PRO D 45 46.52 -26.07 -44.20
CA PRO D 45 46.13 -24.96 -43.27
C PRO D 45 46.49 -23.53 -43.74
N ASP D 46 46.02 -22.50 -43.03
CA ASP D 46 46.21 -21.08 -43.43
C ASP D 46 47.69 -20.69 -43.39
N THR D 47 48.19 -20.11 -44.47
CA THR D 47 49.50 -19.46 -44.48
C THR D 47 49.44 -18.49 -45.64
N ASN D 48 50.27 -17.45 -45.63
CA ASN D 48 50.40 -16.57 -46.80
C ASN D 48 51.76 -16.71 -47.43
N LEU D 49 52.58 -17.64 -46.91
CA LEU D 49 53.93 -17.93 -47.44
C LEU D 49 53.91 -18.49 -48.88
N PRO D 50 54.75 -17.93 -49.78
CA PRO D 50 54.77 -18.45 -51.18
C PRO D 50 55.11 -19.97 -51.21
N MET D 51 54.41 -20.79 -51.99
CA MET D 51 54.79 -22.21 -52.22
C MET D 51 56.28 -22.33 -52.68
N PRO D 52 57.13 -23.16 -51.99
CA PRO D 52 58.53 -23.37 -52.45
C PRO D 52 58.57 -23.91 -53.93
N PRO D 53 59.63 -23.57 -54.73
CA PRO D 53 59.61 -23.94 -56.16
C PRO D 53 59.57 -25.47 -56.41
N GLU D 54 60.23 -26.28 -55.59
CA GLU D 54 60.10 -27.73 -55.82
C GLU D 54 58.69 -28.26 -55.53
N MET D 55 57.98 -27.66 -54.57
CA MET D 55 56.58 -28.02 -54.42
C MET D 55 55.74 -27.54 -55.66
N GLN D 56 56.04 -26.38 -56.21
CA GLN D 56 55.36 -25.93 -57.42
C GLN D 56 55.60 -26.90 -58.61
N GLN D 57 56.85 -27.29 -58.87
CA GLN D 57 57.17 -28.32 -59.91
C GLN D 57 56.40 -29.63 -59.64
N LYS D 58 56.36 -30.02 -58.37
CA LYS D 58 55.75 -31.27 -57.99
C LYS D 58 54.24 -31.20 -58.26
N LEU D 59 53.55 -30.15 -57.81
CA LEU D 59 52.08 -30.11 -58.01
C LEU D 59 51.72 -30.09 -59.48
N GLU D 60 52.54 -29.37 -60.26
CA GLU D 60 52.30 -29.25 -61.71
C GLU D 60 52.47 -30.59 -62.38
N GLY D 61 53.48 -31.35 -61.95
CA GLY D 61 53.75 -32.71 -62.46
C GLY D 61 52.53 -33.59 -62.17
N ILE D 62 51.89 -33.33 -61.05
CA ILE D 62 50.67 -34.05 -60.69
C ILE D 62 49.47 -33.69 -61.56
N TRP D 63 49.27 -32.39 -61.83
CA TRP D 63 48.29 -31.99 -62.83
C TRP D 63 48.47 -32.77 -64.13
N LYS D 64 49.72 -32.87 -64.63
CA LYS D 64 50.04 -33.55 -65.90
C LYS D 64 49.66 -35.03 -65.83
N GLN D 65 49.98 -35.67 -64.71
CA GLN D 65 49.59 -37.03 -64.46
C GLN D 65 48.07 -37.27 -64.46
N ILE D 66 47.33 -36.35 -63.83
CA ILE D 66 45.86 -36.40 -63.82
C ILE D 66 45.34 -36.20 -65.25
N GLU D 67 45.91 -35.24 -65.99
CA GLU D 67 45.51 -35.06 -67.39
C GLU D 67 45.63 -36.39 -68.20
N THR D 68 46.77 -37.04 -68.02
CA THR D 68 47.16 -38.27 -68.74
C THR D 68 46.24 -39.42 -68.37
N GLN D 69 46.00 -39.59 -67.08
CA GLN D 69 45.22 -40.73 -66.61
C GLN D 69 43.70 -40.52 -66.82
N LEU D 70 43.21 -39.28 -66.65
CA LEU D 70 41.77 -39.06 -66.69
C LEU D 70 41.24 -38.19 -67.81
N GLY D 71 42.10 -37.51 -68.56
CA GLY D 71 41.64 -36.59 -69.63
C GLY D 71 41.27 -35.21 -69.07
N THR D 72 41.50 -35.00 -67.78
CA THR D 72 41.13 -33.74 -67.09
C THR D 72 41.79 -32.50 -67.74
N LYS D 73 41.04 -31.39 -67.77
CA LYS D 73 41.53 -30.13 -68.34
C LYS D 73 42.27 -29.26 -67.32
N PHE D 74 43.43 -28.75 -67.71
CA PHE D 74 44.18 -27.77 -66.89
C PHE D 74 44.75 -26.67 -67.75
N ASN D 75 44.66 -25.42 -67.27
CA ASN D 75 45.40 -24.35 -67.86
C ASN D 75 46.70 -24.19 -67.04
N TYR D 76 47.78 -24.67 -67.61
CA TYR D 76 49.09 -24.62 -66.92
C TYR D 76 49.66 -23.22 -66.71
N ASP D 77 49.03 -22.23 -67.30
CA ASP D 77 49.42 -20.86 -67.05
C ASP D 77 49.21 -20.39 -65.60
N PHE D 78 48.35 -21.05 -64.84
CA PHE D 78 48.31 -20.79 -63.38
C PHE D 78 49.73 -20.64 -62.77
N TRP D 79 50.67 -21.48 -63.17
CA TRP D 79 52.00 -21.60 -62.51
C TRP D 79 52.87 -20.42 -62.98
N LYS D 80 52.43 -19.73 -64.02
CA LYS D 80 53.18 -18.60 -64.56
C LYS D 80 52.58 -17.30 -64.09
N LEU D 81 51.26 -17.22 -64.07
CA LEU D 81 50.61 -15.94 -63.82
C LEU D 81 50.38 -15.64 -62.35
N CYS D 82 50.25 -16.67 -61.51
CA CYS D 82 49.97 -16.49 -60.07
C CYS D 82 51.18 -16.80 -59.20
N THR D 83 51.08 -16.34 -57.94
CA THR D 83 52.04 -16.63 -56.88
C THR D 83 51.34 -17.68 -56.03
N PRO D 84 51.64 -18.96 -56.30
CA PRO D 84 50.94 -20.06 -55.63
C PRO D 84 51.25 -20.15 -54.10
N VAL D 85 50.25 -20.59 -53.31
CA VAL D 85 50.37 -20.65 -51.85
C VAL D 85 49.77 -21.99 -51.40
N ARG D 86 50.47 -22.75 -50.58
CA ARG D 86 50.00 -24.07 -50.22
C ARG D 86 49.00 -23.88 -49.06
N SER D 87 47.79 -23.44 -49.37
CA SER D 87 46.83 -23.08 -48.33
C SER D 87 45.43 -23.25 -48.88
N THR D 88 44.65 -24.17 -48.33
CA THR D 88 43.33 -24.44 -48.86
C THR D 88 42.18 -24.06 -47.92
N TYR D 89 42.44 -23.75 -46.63
CA TYR D 89 41.34 -23.57 -45.67
C TYR D 89 40.38 -22.48 -46.17
N GLN D 90 40.95 -21.41 -46.71
CA GLN D 90 40.18 -20.29 -47.09
C GLN D 90 39.20 -20.65 -48.21
N SER D 91 39.62 -21.52 -49.15
CA SER D 91 38.72 -21.92 -50.25
C SER D 91 37.63 -22.85 -49.65
N CYS D 92 37.95 -23.59 -48.57
CA CYS D 92 36.90 -24.39 -47.90
C CYS D 92 35.85 -23.47 -47.27
N ARG D 93 36.28 -22.36 -46.68
CA ARG D 93 35.37 -21.45 -46.09
C ARG D 93 34.50 -20.78 -47.16
N ALA D 94 35.08 -20.41 -48.34
CA ALA D 94 34.26 -19.86 -49.42
C ALA D 94 33.16 -20.87 -49.81
N VAL D 95 33.45 -22.15 -49.95
CA VAL D 95 32.28 -23.02 -50.35
C VAL D 95 31.22 -23.17 -49.27
N ILE D 96 31.63 -23.35 -48.03
CA ILE D 96 30.70 -23.34 -46.92
C ILE D 96 29.86 -22.07 -46.86
N ALA D 97 30.49 -20.89 -46.94
CA ALA D 97 29.76 -19.63 -46.95
C ALA D 97 28.77 -19.55 -48.10
N ALA D 98 29.14 -20.02 -49.28
CA ALA D 98 28.22 -20.02 -50.39
C ALA D 98 27.05 -20.97 -50.11
N GLY D 99 27.34 -22.09 -49.43
CA GLY D 99 26.28 -23.05 -48.97
C GLY D 99 25.28 -22.37 -48.05
N PHE D 100 25.74 -21.40 -47.21
CA PHE D 100 24.73 -20.64 -46.38
C PHE D 100 23.74 -19.88 -47.30
N GLN D 101 24.11 -19.61 -48.55
CA GLN D 101 23.15 -18.97 -49.43
C GLN D 101 22.73 -20.00 -50.50
N ASP D 102 22.77 -21.27 -50.17
CA ASP D 102 22.25 -22.32 -51.06
C ASP D 102 23.04 -22.54 -52.39
N SER D 103 24.35 -22.20 -52.36
CA SER D 103 25.09 -22.21 -53.59
C SER D 103 26.42 -22.92 -53.43
N TYR D 104 26.43 -23.94 -52.59
CA TYR D 104 27.61 -24.72 -52.28
C TYR D 104 28.25 -25.25 -53.59
N GLU D 105 27.49 -26.03 -54.39
CA GLU D 105 28.04 -26.67 -55.54
C GLU D 105 28.46 -25.63 -56.58
N GLN D 106 27.71 -24.52 -56.66
CA GLN D 106 28.00 -23.50 -57.71
C GLN D 106 29.31 -22.88 -57.36
N MET D 107 29.58 -22.60 -56.07
CA MET D 107 30.85 -22.04 -55.69
C MET D 107 31.98 -23.06 -55.78
N LEU D 108 31.70 -24.32 -55.49
CA LEU D 108 32.75 -25.35 -55.59
C LEU D 108 33.25 -25.37 -57.05
N GLU D 109 32.29 -25.41 -57.96
CA GLU D 109 32.64 -25.46 -59.35
C GLU D 109 33.32 -24.15 -59.83
N ALA D 110 32.90 -23.00 -59.32
CA ALA D 110 33.43 -21.73 -59.77
C ALA D 110 34.89 -21.60 -59.29
N ILE D 111 35.17 -22.15 -58.11
CA ILE D 111 36.53 -22.22 -57.60
C ILE D 111 37.41 -23.18 -58.40
N GLN D 112 36.91 -24.38 -58.68
CA GLN D 112 37.70 -25.31 -59.48
C GLN D 112 38.00 -24.67 -60.85
N HIS D 113 37.00 -24.05 -61.48
CA HIS D 113 37.27 -23.41 -62.78
C HIS D 113 38.25 -22.27 -62.66
N ALA D 114 38.15 -21.48 -61.61
CA ALA D 114 39.07 -20.37 -61.39
C ALA D 114 40.52 -20.82 -61.28
N TYR D 115 40.73 -21.88 -60.51
CA TYR D 115 42.05 -22.37 -60.21
C TYR D 115 42.58 -23.12 -61.42
N TYR D 116 41.80 -24.06 -61.97
CA TYR D 116 42.40 -24.98 -62.90
C TYR D 116 42.27 -24.58 -64.37
N LEU D 117 41.41 -23.64 -64.73
CA LEU D 117 41.23 -23.18 -66.07
C LEU D 117 41.50 -21.69 -66.23
N ARG D 118 41.07 -20.85 -65.27
CA ARG D 118 41.13 -19.40 -65.46
C ARG D 118 42.40 -18.79 -64.92
N ALA D 119 43.30 -19.64 -64.44
CA ALA D 119 44.57 -19.21 -63.88
C ALA D 119 44.44 -18.07 -62.88
N MET D 120 43.55 -18.25 -61.89
CA MET D 120 43.26 -17.28 -60.82
C MET D 120 43.70 -17.90 -59.46
N PRO D 121 44.15 -17.08 -58.50
CA PRO D 121 44.63 -17.70 -57.26
C PRO D 121 43.44 -18.14 -56.41
N PRO D 122 43.30 -19.44 -56.15
CA PRO D 122 42.10 -19.92 -55.51
C PRO D 122 42.11 -19.65 -54.00
N HIS D 123 43.22 -19.20 -53.45
CA HIS D 123 43.33 -18.96 -52.00
C HIS D 123 43.12 -17.46 -51.64
N GLU D 124 42.96 -16.59 -52.64
CA GLU D 124 42.85 -15.14 -52.40
C GLU D 124 41.41 -14.63 -52.29
N GLU D 125 41.18 -13.72 -51.36
CA GLU D 125 39.87 -13.11 -51.15
C GLU D 125 39.27 -12.42 -52.40
N ALA D 126 40.06 -11.68 -53.17
CA ALA D 126 39.53 -11.07 -54.40
C ALA D 126 38.98 -12.14 -55.36
N THR D 127 39.59 -13.32 -55.41
CA THR D 127 39.02 -14.40 -56.20
C THR D 127 37.64 -14.77 -55.66
N HIS D 128 37.58 -15.01 -54.37
CA HIS D 128 36.29 -15.39 -53.77
C HIS D 128 35.22 -14.37 -54.01
N LEU D 129 35.52 -13.11 -53.77
CA LEU D 129 34.50 -12.10 -53.98
C LEU D 129 34.07 -11.98 -55.45
N GLN D 130 35.03 -12.11 -56.40
CA GLN D 130 34.64 -12.04 -57.81
C GLN D 130 33.77 -13.22 -58.14
N LEU D 131 34.12 -14.43 -57.65
CA LEU D 131 33.33 -15.59 -57.95
C LEU D 131 31.91 -15.48 -57.32
N ALA D 132 31.85 -14.95 -56.09
CA ALA D 132 30.57 -14.72 -55.40
C ALA D 132 29.67 -13.80 -56.28
N LYS D 133 30.25 -12.73 -56.83
CA LYS D 133 29.52 -11.85 -57.71
C LYS D 133 29.05 -12.58 -58.97
N GLU D 134 29.92 -13.34 -59.61
CA GLU D 134 29.58 -14.02 -60.86
C GLU D 134 28.52 -15.09 -60.60
N ILE D 135 28.55 -15.69 -59.43
CA ILE D 135 27.60 -16.74 -59.09
C ILE D 135 26.22 -16.21 -58.63
N GLY D 136 26.06 -14.88 -58.49
CA GLY D 136 24.80 -14.28 -58.04
C GLY D 136 24.58 -14.30 -56.53
N LEU D 137 25.62 -14.46 -55.69
CA LEU D 137 25.40 -14.29 -54.21
C LEU D 137 25.10 -12.83 -53.79
N ASN D 138 24.64 -12.64 -52.54
CA ASN D 138 24.73 -11.33 -51.91
C ASN D 138 26.19 -11.19 -51.43
N VAL D 139 26.97 -10.34 -52.09
CA VAL D 139 28.42 -10.35 -51.87
C VAL D 139 28.83 -9.89 -50.46
N GLN D 140 28.16 -8.84 -49.98
CA GLN D 140 28.27 -8.37 -48.61
C GLN D 140 28.01 -9.46 -47.54
N GLN D 141 26.88 -10.14 -47.64
CA GLN D 141 26.57 -11.16 -46.72
C GLN D 141 27.62 -12.29 -46.81
N PHE D 142 27.98 -12.71 -48.02
CA PHE D 142 29.00 -13.74 -48.19
C PHE D 142 30.26 -13.31 -47.47
N LYS D 143 30.69 -12.06 -47.71
CA LYS D 143 31.94 -11.58 -47.13
C LYS D 143 31.88 -11.59 -45.57
N ASN D 144 30.76 -11.15 -45.01
CA ASN D 144 30.50 -11.19 -43.58
C ASN D 144 30.48 -12.60 -42.99
N ASP D 145 29.87 -13.55 -43.71
CA ASP D 145 29.82 -14.94 -43.31
C ASP D 145 31.23 -15.52 -43.22
N MET D 146 32.00 -15.40 -44.30
CA MET D 146 33.35 -15.94 -44.36
C MET D 146 34.20 -15.43 -43.19
N ASP D 147 33.96 -14.22 -42.76
CA ASP D 147 34.73 -13.65 -41.67
C ASP D 147 34.08 -13.89 -40.27
N GLY D 148 32.95 -14.59 -40.23
CA GLY D 148 32.18 -14.71 -39.01
C GLY D 148 32.60 -15.89 -38.14
N THR D 149 32.21 -15.82 -36.89
CA THR D 149 32.48 -16.84 -35.93
C THR D 149 31.72 -18.14 -36.14
N LEU D 150 30.43 -18.09 -36.47
CA LEU D 150 29.66 -19.28 -36.81
C LEU D 150 30.33 -20.10 -37.94
N LEU D 151 30.80 -19.39 -38.99
CA LEU D 151 31.36 -20.12 -40.10
C LEU D 151 32.63 -20.86 -39.65
N GLU D 152 33.47 -20.22 -38.82
CA GLU D 152 34.69 -20.86 -38.34
C GLU D 152 34.35 -22.15 -37.56
N GLY D 153 33.37 -22.08 -36.68
CA GLY D 153 32.85 -23.30 -35.98
C GLY D 153 32.29 -24.35 -36.95
N VAL D 154 31.55 -23.94 -37.98
CA VAL D 154 31.02 -24.94 -38.96
C VAL D 154 32.17 -25.61 -39.74
N PHE D 155 33.16 -24.81 -40.09
CA PHE D 155 34.33 -25.29 -40.85
C PHE D 155 35.19 -26.23 -39.95
N GLN D 156 35.46 -25.81 -38.70
CA GLN D 156 36.21 -26.61 -37.73
C GLN D 156 35.55 -27.94 -37.49
N ASP D 157 34.20 -27.98 -37.44
CA ASP D 157 33.42 -29.26 -37.32
C ASP D 157 33.55 -30.16 -38.60
N GLN D 158 33.59 -29.53 -39.76
CA GLN D 158 33.86 -30.25 -41.03
C GLN D 158 35.22 -30.97 -40.97
N LEU D 159 36.27 -30.26 -40.51
CA LEU D 159 37.59 -30.86 -40.43
C LEU D 159 37.59 -32.04 -39.41
N SER D 160 36.97 -31.92 -38.23
CA SER D 160 36.89 -33.06 -37.27
C SER D 160 36.05 -34.15 -37.86
N LEU D 161 34.98 -33.79 -38.59
CA LEU D 161 34.11 -34.86 -39.11
C LEU D 161 34.91 -35.71 -40.14
N ALA D 162 35.64 -35.05 -41.05
CA ALA D 162 36.48 -35.77 -42.02
C ALA D 162 37.44 -36.73 -41.31
N LYS D 163 38.10 -36.29 -40.23
CA LYS D 163 38.92 -37.15 -39.41
C LYS D 163 38.17 -38.27 -38.74
N SER D 164 37.05 -37.98 -38.09
CA SER D 164 36.18 -39.02 -37.53
C SER D 164 35.82 -40.08 -38.48
N LEU D 165 35.73 -39.73 -39.76
CA LEU D 165 35.28 -40.70 -40.75
C LEU D 165 36.44 -41.49 -41.22
N GLY D 166 37.63 -41.31 -40.65
CA GLY D 166 38.79 -42.13 -41.02
C GLY D 166 39.49 -41.65 -42.28
N VAL D 167 39.20 -40.42 -42.72
CA VAL D 167 39.70 -40.02 -44.03
C VAL D 167 40.96 -39.16 -43.87
N ASN D 168 41.99 -39.49 -44.62
CA ASN D 168 43.25 -38.76 -44.57
C ASN D 168 43.70 -38.33 -45.97
N SER D 169 42.89 -38.58 -47.01
CA SER D 169 43.21 -38.13 -48.38
C SER D 169 41.93 -37.93 -49.16
N TYR D 170 42.02 -37.15 -50.25
CA TYR D 170 40.89 -36.67 -51.02
C TYR D 170 41.08 -37.04 -52.49
N PRO D 171 40.02 -37.41 -53.21
CA PRO D 171 38.63 -37.58 -52.75
C PRO D 171 38.53 -38.88 -51.94
N SER D 172 37.63 -38.94 -50.96
CA SER D 172 37.24 -40.23 -50.37
C SER D 172 35.74 -40.29 -50.24
N LEU D 173 35.22 -41.52 -50.14
CA LEU D 173 33.83 -41.78 -49.85
C LEU D 173 33.67 -42.70 -48.62
N VAL D 174 32.71 -42.34 -47.76
CA VAL D 174 32.35 -43.14 -46.61
C VAL D 174 30.84 -43.31 -46.60
N LEU D 175 30.40 -44.56 -46.48
CA LEU D 175 29.00 -44.87 -46.48
C LEU D 175 28.56 -45.13 -45.04
N GLN D 176 27.65 -44.33 -44.54
CA GLN D 176 27.09 -44.58 -43.24
C GLN D 176 25.76 -45.33 -43.37
N ILE D 177 25.65 -46.46 -42.64
CA ILE D 177 24.38 -47.17 -42.46
C ILE D 177 24.07 -47.20 -40.94
N ASN D 178 23.06 -46.44 -40.53
CA ASN D 178 22.79 -46.20 -39.10
C ASN D 178 24.08 -45.89 -38.32
N ASP D 179 24.57 -46.82 -37.51
CA ASP D 179 25.76 -46.55 -36.69
C ASP D 179 27.06 -47.10 -37.24
N ALA D 180 27.03 -47.76 -38.39
CA ALA D 180 28.27 -48.30 -38.92
C ALA D 180 28.73 -47.45 -40.12
N TYR D 181 30.06 -47.36 -40.34
CA TYR D 181 30.63 -46.64 -41.46
C TYR D 181 31.52 -47.53 -42.26
N PHE D 182 31.50 -47.36 -43.57
CA PHE D 182 32.25 -48.23 -44.48
C PHE D 182 32.88 -47.37 -45.53
N PRO D 183 34.22 -47.35 -45.58
CA PRO D 183 34.99 -46.81 -46.70
C PRO D 183 34.45 -47.38 -48.01
N ILE D 184 34.29 -46.54 -49.02
CA ILE D 184 33.95 -46.99 -50.34
C ILE D 184 35.08 -46.53 -51.28
N GLU D 185 35.69 -47.48 -51.97
CA GLU D 185 36.74 -47.17 -52.97
C GLU D 185 36.28 -46.15 -54.05
N VAL D 186 37.12 -45.19 -54.39
CA VAL D 186 36.80 -44.31 -55.49
C VAL D 186 37.14 -44.98 -56.83
N ASP D 187 36.25 -44.89 -57.83
CA ASP D 187 36.63 -45.27 -59.24
C ASP D 187 36.55 -44.00 -60.04
N TYR D 188 37.69 -43.49 -60.52
CA TYR D 188 37.68 -42.16 -61.11
C TYR D 188 36.92 -42.04 -62.42
N LEU D 189 36.80 -43.15 -63.13
CA LEU D 189 36.25 -43.18 -64.49
C LEU D 189 34.86 -43.73 -64.64
N SER D 190 34.36 -44.48 -63.66
CA SER D 190 33.05 -45.09 -63.81
C SER D 190 32.27 -45.15 -62.52
N THR D 191 30.95 -44.95 -62.60
CA THR D 191 30.15 -45.07 -61.42
C THR D 191 29.76 -46.49 -61.09
N GLU D 192 29.69 -47.39 -62.10
CA GLU D 192 29.10 -48.73 -61.90
C GLU D 192 29.70 -49.51 -60.74
N PRO D 193 31.06 -49.69 -60.70
CA PRO D 193 31.59 -50.45 -59.53
C PRO D 193 31.27 -49.82 -58.14
N THR D 194 31.18 -48.49 -58.11
CA THR D 194 30.94 -47.79 -56.87
C THR D 194 29.53 -48.02 -56.41
N LEU D 195 28.60 -47.89 -57.34
CA LEU D 195 27.24 -48.22 -57.03
C LEU D 195 27.10 -49.68 -56.60
N LYS D 196 27.84 -50.58 -57.26
CA LYS D 196 27.82 -52.01 -56.87
C LYS D 196 28.29 -52.18 -55.40
N LEU D 197 29.36 -51.50 -55.03
CA LEU D 197 29.86 -51.60 -53.66
C LEU D 197 28.80 -51.11 -52.67
N ILE D 198 28.19 -49.99 -52.99
CA ILE D 198 27.23 -49.37 -52.09
C ILE D 198 25.99 -50.27 -51.90
N ARG D 199 25.40 -50.72 -53.01
CA ARG D 199 24.31 -51.72 -52.94
C ARG D 199 24.69 -52.98 -52.16
N GLU D 200 25.87 -53.54 -52.42
CA GLU D 200 26.19 -54.76 -51.64
C GLU D 200 26.29 -54.46 -50.16
N ARG D 201 26.89 -53.30 -49.81
CA ARG D 201 27.06 -52.97 -48.43
C ARG D 201 25.70 -52.86 -47.77
N ILE D 202 24.76 -52.22 -48.46
CA ILE D 202 23.42 -52.01 -47.90
C ILE D 202 22.74 -53.32 -47.59
N ILE D 203 22.69 -54.20 -48.60
CA ILE D 203 22.07 -55.53 -48.48
C ILE D 203 22.71 -56.38 -47.38
N GLU D 204 24.03 -56.39 -47.28
CA GLU D 204 24.72 -57.09 -46.19
C GLU D 204 24.36 -56.61 -44.79
N ASN D 205 23.94 -55.37 -44.62
CA ASN D 205 23.70 -54.84 -43.29
C ASN D 205 22.27 -54.58 -42.97
N MET D 206 21.44 -55.62 -43.04
CA MET D 206 20.03 -55.43 -42.71
C MET D 206 19.41 -56.72 -42.18
N MET E 1 -11.57 -0.73 24.96
CA MET E 1 -11.77 -0.14 23.60
C MET E 1 -11.30 -1.08 22.44
N ASN E 2 -12.23 -1.49 21.58
CA ASN E 2 -11.98 -2.51 20.56
C ASN E 2 -11.64 -1.83 19.22
N ILE E 3 -10.35 -1.86 18.84
CA ILE E 3 -9.90 -1.15 17.65
C ILE E 3 -9.28 -2.08 16.63
N LYS E 4 -9.75 -1.97 15.38
CA LYS E 4 -9.36 -2.95 14.37
C LYS E 4 -9.14 -2.23 13.05
N LEU E 5 -8.03 -2.53 12.36
CA LEU E 5 -7.84 -1.99 11.04
C LEU E 5 -8.08 -3.14 10.03
N TYR E 6 -9.09 -3.02 9.17
CA TYR E 6 -9.34 -3.95 8.09
C TYR E 6 -8.61 -3.54 6.85
N TYR E 7 -7.87 -4.47 6.26
CA TYR E 7 -7.26 -4.28 4.97
C TYR E 7 -7.99 -5.19 3.98
N VAL E 8 -8.70 -4.54 3.04
CA VAL E 8 -9.54 -5.28 2.11
C VAL E 8 -8.81 -5.39 0.82
N HIS E 9 -8.60 -6.62 0.36
CA HIS E 9 -7.68 -6.79 -0.81
C HIS E 9 -8.13 -7.93 -1.66
N ASP E 10 -7.44 -8.16 -2.78
CA ASP E 10 -7.65 -9.41 -3.55
C ASP E 10 -6.26 -9.83 -4.02
N PRO E 11 -5.90 -11.14 -3.91
CA PRO E 11 -4.57 -11.62 -4.30
C PRO E 11 -4.28 -11.20 -5.77
N MET E 12 -5.32 -11.05 -6.62
CA MET E 12 -5.13 -10.75 -8.04
C MET E 12 -5.39 -9.30 -8.42
N CYS E 13 -5.39 -8.43 -7.42
CA CYS E 13 -5.52 -6.98 -7.62
C CYS E 13 -4.08 -6.40 -7.80
N SER E 14 -3.79 -5.73 -8.90
CA SER E 14 -2.43 -5.29 -9.11
C SER E 14 -2.02 -4.05 -8.32
N TRP E 15 -2.98 -3.20 -7.98
CA TRP E 15 -2.68 -2.13 -7.00
C TRP E 15 -2.38 -2.70 -5.58
N CYS E 16 -3.04 -3.80 -5.18
CA CYS E 16 -2.67 -4.45 -3.91
C CYS E 16 -1.20 -4.92 -3.89
N TRP E 17 -0.75 -5.47 -5.02
CA TRP E 17 0.65 -5.82 -5.19
C TRP E 17 1.52 -4.55 -5.22
N GLY E 18 1.13 -3.50 -5.94
CA GLY E 18 1.88 -2.26 -5.81
C GLY E 18 1.94 -1.80 -4.30
N TYR E 19 0.86 -1.97 -3.55
CA TYR E 19 0.80 -1.50 -2.16
C TYR E 19 1.65 -2.34 -1.19
N LYS E 20 1.96 -3.58 -1.55
CA LYS E 20 2.53 -4.57 -0.61
C LYS E 20 3.67 -4.05 0.33
N PRO E 21 4.76 -3.45 -0.17
CA PRO E 21 5.79 -3.03 0.83
C PRO E 21 5.30 -1.99 1.85
N THR E 22 4.41 -1.07 1.46
CA THR E 22 3.87 -0.07 2.37
C THR E 22 2.84 -0.67 3.38
N ILE E 23 1.91 -1.49 2.90
CA ILE E 23 0.97 -2.11 3.81
C ILE E 23 1.69 -3.08 4.78
N GLU E 24 2.71 -3.80 4.34
CA GLU E 24 3.49 -4.56 5.31
C GLU E 24 4.21 -3.70 6.34
N LYS E 25 4.76 -2.52 5.94
CA LYS E 25 5.41 -1.65 6.93
C LYS E 25 4.31 -1.14 7.90
N LEU E 26 3.12 -0.88 7.36
CA LEU E 26 2.06 -0.25 8.14
C LEU E 26 1.67 -1.24 9.23
N LYS E 27 1.52 -2.49 8.86
CA LYS E 27 1.11 -3.51 9.77
C LYS E 27 2.18 -3.67 10.86
N GLN E 28 3.48 -3.55 10.52
CA GLN E 28 4.54 -3.62 11.56
C GLN E 28 4.49 -2.45 12.52
N GLN E 29 4.22 -1.23 12.01
CA GLN E 29 4.26 0.00 12.80
C GLN E 29 3.02 0.32 13.63
N LEU E 30 1.93 -0.41 13.39
CA LEU E 30 0.66 -0.08 14.04
C LEU E 30 0.79 -0.18 15.54
N PRO E 31 0.35 0.83 16.32
CA PRO E 31 0.31 0.61 17.80
C PRO E 31 -0.39 -0.73 18.20
N GLY E 32 0.05 -1.36 19.29
CA GLY E 32 -0.32 -2.76 19.62
C GLY E 32 -1.78 -2.92 19.98
N VAL E 33 -2.39 -1.84 20.46
CA VAL E 33 -3.81 -1.83 20.71
C VAL E 33 -4.68 -2.04 19.44
N ILE E 34 -4.19 -1.74 18.23
CA ILE E 34 -5.02 -1.89 17.04
C ILE E 34 -4.83 -3.29 16.45
N GLN E 35 -5.89 -4.06 16.25
CA GLN E 35 -5.73 -5.39 15.61
C GLN E 35 -5.76 -5.21 14.07
N PHE E 36 -4.97 -5.98 13.34
CA PHE E 36 -4.94 -5.83 11.90
C PHE E 36 -5.72 -7.01 11.31
N GLU E 37 -6.65 -6.79 10.40
CA GLU E 37 -7.38 -7.94 9.82
C GLU E 37 -7.43 -7.86 8.31
N TYR E 38 -6.96 -8.94 7.64
CA TYR E 38 -7.03 -9.07 6.18
C TYR E 38 -8.43 -9.49 5.82
N VAL E 39 -9.00 -8.90 4.79
CA VAL E 39 -10.32 -9.40 4.37
C VAL E 39 -10.21 -9.52 2.83
N VAL E 40 -10.64 -10.65 2.28
CA VAL E 40 -10.64 -10.77 0.79
C VAL E 40 -11.95 -10.25 0.29
N GLY E 41 -11.90 -9.43 -0.75
CA GLY E 41 -13.14 -8.84 -1.26
C GLY E 41 -13.72 -9.55 -2.50
N GLY E 42 -12.90 -10.31 -3.23
CA GLY E 42 -13.41 -11.14 -4.35
C GLY E 42 -13.70 -10.27 -5.57
N LEU E 43 -12.64 -9.80 -6.20
CA LEU E 43 -12.68 -9.08 -7.42
C LEU E 43 -13.57 -9.71 -8.53
N ALA E 44 -13.51 -11.04 -8.79
CA ALA E 44 -14.30 -11.56 -9.87
C ALA E 44 -14.68 -13.01 -9.61
N PRO E 45 -15.95 -13.35 -9.74
CA PRO E 45 -16.44 -14.72 -9.50
C PRO E 45 -15.80 -15.76 -10.38
N ASP E 46 -15.87 -17.03 -9.96
CA ASP E 46 -15.33 -18.12 -10.79
C ASP E 46 -15.86 -18.12 -12.22
N THR E 47 -14.95 -18.23 -13.19
CA THR E 47 -15.35 -18.36 -14.57
C THR E 47 -14.16 -18.94 -15.37
N ASN E 48 -14.46 -19.53 -16.53
CA ASN E 48 -13.46 -19.84 -17.55
C ASN E 48 -13.45 -18.90 -18.76
N LEU E 49 -14.27 -17.84 -18.81
CA LEU E 49 -14.23 -16.88 -19.93
C LEU E 49 -12.79 -16.34 -20.21
N PRO E 50 -12.24 -16.60 -21.41
CA PRO E 50 -10.88 -16.03 -21.71
C PRO E 50 -10.94 -14.53 -21.66
N MET E 51 -9.94 -13.88 -21.09
CA MET E 51 -9.89 -12.42 -21.08
C MET E 51 -9.68 -11.98 -22.54
N PRO E 52 -10.53 -11.12 -23.06
CA PRO E 52 -10.26 -10.83 -24.47
C PRO E 52 -9.12 -9.77 -24.65
N PRO E 53 -8.56 -9.62 -25.88
CA PRO E 53 -7.43 -8.72 -26.19
C PRO E 53 -7.53 -7.29 -25.68
N GLU E 54 -8.66 -6.64 -25.82
CA GLU E 54 -8.74 -5.27 -25.28
C GLU E 54 -8.56 -5.18 -23.78
N MET E 55 -9.05 -6.18 -23.03
CA MET E 55 -8.91 -6.14 -21.56
C MET E 55 -7.47 -6.56 -21.14
N GLN E 56 -6.88 -7.49 -21.88
CA GLN E 56 -5.49 -7.87 -21.66
C GLN E 56 -4.62 -6.61 -21.84
N GLN E 57 -4.86 -5.85 -22.89
CA GLN E 57 -4.09 -4.64 -23.12
C GLN E 57 -4.39 -3.56 -22.06
N LYS E 58 -5.64 -3.39 -21.67
CA LYS E 58 -5.89 -2.43 -20.62
C LYS E 58 -5.15 -2.84 -19.31
N LEU E 59 -5.24 -4.12 -18.92
CA LEU E 59 -4.60 -4.53 -17.66
C LEU E 59 -3.08 -4.44 -17.75
N GLU E 60 -2.48 -4.81 -18.88
CA GLU E 60 -1.06 -4.61 -19.01
C GLU E 60 -0.66 -3.11 -18.92
N GLY E 61 -1.48 -2.21 -19.47
CA GLY E 61 -1.20 -0.77 -19.33
C GLY E 61 -1.31 -0.30 -17.89
N ILE E 62 -2.19 -0.90 -17.11
CA ILE E 62 -2.24 -0.60 -15.68
C ILE E 62 -0.98 -1.10 -14.97
N TRP E 63 -0.51 -2.29 -15.31
CA TRP E 63 0.75 -2.72 -14.73
C TRP E 63 1.87 -1.67 -14.99
N LYS E 64 2.00 -1.19 -16.22
CA LYS E 64 2.96 -0.10 -16.53
C LYS E 64 2.77 1.16 -15.72
N GLN E 65 1.52 1.60 -15.52
CA GLN E 65 1.28 2.76 -14.63
C GLN E 65 1.79 2.51 -13.25
N ILE E 66 1.53 1.31 -12.72
CA ILE E 66 1.89 0.99 -11.35
C ILE E 66 3.41 1.00 -11.25
N GLU E 67 4.07 0.36 -12.20
CA GLU E 67 5.50 0.38 -12.25
C GLU E 67 6.03 1.84 -12.30
N THR E 68 5.47 2.68 -13.16
CA THR E 68 5.93 4.05 -13.26
C THR E 68 5.73 4.84 -11.96
N GLN E 69 4.57 4.69 -11.34
CA GLN E 69 4.27 5.48 -10.19
C GLN E 69 4.89 4.93 -8.90
N LEU E 70 5.05 3.63 -8.79
CA LEU E 70 5.46 3.03 -7.52
C LEU E 70 6.79 2.30 -7.59
N GLY E 71 7.33 2.07 -8.78
CA GLY E 71 8.58 1.32 -8.88
C GLY E 71 8.35 -0.19 -8.75
N THR E 72 7.08 -0.63 -8.76
CA THR E 72 6.71 -2.02 -8.64
C THR E 72 7.29 -2.93 -9.75
N LYS E 73 7.69 -4.15 -9.38
CA LYS E 73 8.25 -5.12 -10.35
C LYS E 73 7.16 -5.94 -11.05
N PHE E 74 7.23 -6.11 -12.39
CA PHE E 74 6.32 -7.02 -13.11
C PHE E 74 7.14 -7.80 -14.13
N ASN E 75 6.78 -9.05 -14.41
CA ASN E 75 7.39 -9.75 -15.55
C ASN E 75 6.29 -9.68 -16.62
N TYR E 76 6.43 -8.80 -17.63
CA TYR E 76 5.39 -8.66 -18.67
C TYR E 76 5.20 -9.91 -19.52
N ASP E 77 6.13 -10.86 -19.48
CA ASP E 77 5.89 -12.17 -20.17
C ASP E 77 4.60 -12.89 -19.81
N PHE E 78 3.98 -12.56 -18.69
CA PHE E 78 2.64 -13.11 -18.35
C PHE E 78 1.72 -12.99 -19.57
N TRP E 79 1.74 -11.83 -20.20
CA TRP E 79 0.83 -11.54 -21.31
C TRP E 79 1.11 -12.39 -22.58
N LYS E 80 2.29 -13.03 -22.70
CA LYS E 80 2.64 -13.87 -23.88
C LYS E 80 2.54 -15.35 -23.55
N LEU E 81 2.79 -15.70 -22.31
CA LEU E 81 2.89 -17.07 -21.92
C LEU E 81 1.59 -17.71 -21.42
N CYS E 82 0.65 -16.92 -20.90
CA CYS E 82 -0.56 -17.49 -20.29
C CYS E 82 -1.85 -17.13 -21.09
N THR E 83 -2.96 -17.83 -20.81
CA THR E 83 -4.27 -17.45 -21.34
C THR E 83 -4.99 -16.78 -20.16
N PRO E 84 -5.03 -15.44 -20.12
CA PRO E 84 -5.54 -14.90 -18.85
C PRO E 84 -7.03 -15.00 -18.75
N VAL E 85 -7.51 -15.05 -17.52
CA VAL E 85 -8.96 -15.19 -17.25
C VAL E 85 -9.23 -14.25 -16.09
N ARG E 86 -10.25 -13.42 -16.17
CA ARG E 86 -10.52 -12.52 -15.00
C ARG E 86 -11.36 -13.30 -14.02
N SER E 87 -10.72 -14.01 -13.09
CA SER E 87 -11.46 -14.91 -12.20
C SER E 87 -10.62 -15.07 -10.93
N THR E 88 -11.10 -14.58 -9.79
CA THR E 88 -10.19 -14.40 -8.67
C THR E 88 -10.69 -15.15 -7.43
N TYR E 89 -11.93 -15.64 -7.44
CA TYR E 89 -12.53 -16.25 -6.19
C TYR E 89 -11.68 -17.45 -5.76
N GLN E 90 -11.14 -18.19 -6.72
CA GLN E 90 -10.33 -19.34 -6.36
C GLN E 90 -9.01 -18.94 -5.63
N SER E 91 -8.35 -17.91 -6.11
CA SER E 91 -7.18 -17.37 -5.50
C SER E 91 -7.50 -16.81 -4.09
N CYS E 92 -8.71 -16.27 -3.87
CA CYS E 92 -9.10 -15.83 -2.51
C CYS E 92 -9.27 -17.11 -1.62
N ARG E 93 -9.94 -18.16 -2.13
CA ARG E 93 -10.00 -19.42 -1.41
C ARG E 93 -8.64 -19.98 -1.07
N ALA E 94 -7.68 -19.88 -2.00
CA ALA E 94 -6.39 -20.41 -1.72
C ALA E 94 -5.70 -19.73 -0.54
N VAL E 95 -5.75 -18.38 -0.40
CA VAL E 95 -5.10 -17.71 0.74
C VAL E 95 -5.85 -18.05 2.05
N ILE E 96 -7.15 -18.20 2.00
CA ILE E 96 -7.90 -18.58 3.21
C ILE E 96 -7.53 -20.03 3.61
N ALA E 97 -7.42 -20.96 2.64
CA ALA E 97 -6.99 -22.33 2.94
C ALA E 97 -5.54 -22.30 3.53
N ALA E 98 -4.69 -21.45 3.03
CA ALA E 98 -3.30 -21.43 3.57
C ALA E 98 -3.34 -20.88 5.03
N GLY E 99 -4.23 -19.90 5.26
CA GLY E 99 -4.47 -19.33 6.62
C GLY E 99 -4.90 -20.39 7.63
N PHE E 100 -5.67 -21.43 7.21
CA PHE E 100 -5.95 -22.59 8.06
C PHE E 100 -4.69 -23.30 8.51
N GLN E 101 -3.55 -23.16 7.82
CA GLN E 101 -2.30 -23.78 8.25
C GLN E 101 -1.34 -22.65 8.60
N ASP E 102 -1.85 -21.52 9.07
CA ASP E 102 -1.00 -20.40 9.52
C ASP E 102 -0.02 -19.85 8.48
N SER E 103 -0.44 -19.82 7.22
CA SER E 103 0.42 -19.40 6.17
C SER E 103 -0.33 -18.49 5.19
N TYR E 104 -1.18 -17.64 5.73
CA TYR E 104 -1.99 -16.76 4.95
C TYR E 104 -1.06 -15.81 4.19
N GLU E 105 -0.18 -15.12 4.87
CA GLU E 105 0.64 -14.14 4.24
C GLU E 105 1.64 -14.76 3.28
N GLN E 106 2.16 -15.96 3.57
CA GLN E 106 3.10 -16.65 2.68
C GLN E 106 2.42 -17.06 1.34
N MET E 107 1.20 -17.58 1.42
CA MET E 107 0.45 -17.92 0.21
C MET E 107 0.06 -16.66 -0.55
N LEU E 108 -0.42 -15.60 0.15
CA LEU E 108 -0.72 -14.35 -0.56
C LEU E 108 0.52 -13.85 -1.40
N GLU E 109 1.71 -13.88 -0.81
CA GLU E 109 2.88 -13.41 -1.47
C GLU E 109 3.25 -14.40 -2.57
N ALA E 110 3.04 -15.69 -2.36
CA ALA E 110 3.41 -16.67 -3.41
C ALA E 110 2.50 -16.52 -4.62
N ILE E 111 1.23 -16.15 -4.41
CA ILE E 111 0.36 -15.91 -5.53
C ILE E 111 0.73 -14.62 -6.27
N GLN E 112 1.05 -13.56 -5.53
CA GLN E 112 1.42 -12.32 -6.19
C GLN E 112 2.69 -12.59 -7.02
N HIS E 113 3.64 -13.35 -6.48
CA HIS E 113 4.94 -13.51 -7.18
C HIS E 113 4.67 -14.39 -8.35
N ALA E 114 3.81 -15.37 -8.18
CA ALA E 114 3.51 -16.30 -9.29
C ALA E 114 2.90 -15.56 -10.45
N TYR E 115 2.02 -14.65 -10.13
CA TYR E 115 1.24 -13.93 -11.21
C TYR E 115 2.09 -12.81 -11.82
N TYR E 116 2.70 -11.98 -10.98
CA TYR E 116 3.39 -10.77 -11.41
C TYR E 116 4.84 -10.97 -11.79
N LEU E 117 5.47 -12.02 -11.26
CA LEU E 117 6.88 -12.29 -11.55
C LEU E 117 7.11 -13.58 -12.33
N ARG E 118 6.38 -14.64 -12.01
CA ARG E 118 6.71 -15.94 -12.59
C ARG E 118 5.91 -16.26 -13.85
N ALA E 119 5.05 -15.33 -14.31
CA ALA E 119 4.22 -15.56 -15.48
C ALA E 119 3.46 -16.87 -15.34
N MET E 120 2.87 -17.12 -14.16
CA MET E 120 2.04 -18.32 -13.91
C MET E 120 0.58 -17.87 -13.84
N PRO E 121 -0.37 -18.74 -14.29
CA PRO E 121 -1.78 -18.34 -14.27
C PRO E 121 -2.32 -18.41 -12.81
N PRO E 122 -2.75 -17.27 -12.27
CA PRO E 122 -3.10 -17.22 -10.84
C PRO E 122 -4.44 -17.79 -10.53
N HIS E 123 -5.27 -18.09 -11.52
CA HIS E 123 -6.61 -18.59 -11.26
C HIS E 123 -6.67 -20.13 -11.33
N GLU E 124 -5.64 -20.77 -11.83
CA GLU E 124 -5.64 -22.23 -12.10
C GLU E 124 -5.31 -23.04 -10.85
N GLU E 125 -6.07 -24.10 -10.67
CA GLU E 125 -5.80 -25.04 -9.59
C GLU E 125 -4.34 -25.57 -9.58
N ALA E 126 -3.76 -25.88 -10.73
CA ALA E 126 -2.40 -26.36 -10.74
C ALA E 126 -1.43 -25.34 -10.14
N THR E 127 -1.71 -24.05 -10.32
CA THR E 127 -0.87 -23.04 -9.72
C THR E 127 -1.02 -23.10 -8.21
N HIS E 128 -2.26 -23.15 -7.73
CA HIS E 128 -2.45 -23.17 -6.29
C HIS E 128 -1.81 -24.33 -5.62
N LEU E 129 -1.88 -25.51 -6.25
CA LEU E 129 -1.27 -26.70 -5.64
C LEU E 129 0.27 -26.57 -5.56
N GLN E 130 0.85 -26.09 -6.65
CA GLN E 130 2.26 -25.87 -6.71
C GLN E 130 2.76 -24.89 -5.68
N LEU E 131 2.01 -23.80 -5.45
CA LEU E 131 2.43 -22.83 -4.40
C LEU E 131 2.28 -23.43 -2.96
N ALA E 132 1.20 -24.18 -2.75
CA ALA E 132 0.97 -24.87 -1.50
C ALA E 132 2.16 -25.78 -1.21
N LYS E 133 2.61 -26.53 -2.21
CA LYS E 133 3.79 -27.40 -2.05
C LYS E 133 5.03 -26.53 -1.76
N GLU E 134 5.24 -25.48 -2.57
CA GLU E 134 6.49 -24.67 -2.46
C GLU E 134 6.56 -23.98 -1.09
N ILE E 135 5.44 -23.51 -0.56
CA ILE E 135 5.52 -22.89 0.79
C ILE E 135 5.47 -23.90 1.94
N GLY E 136 5.46 -25.21 1.66
CA GLY E 136 5.61 -26.17 2.74
C GLY E 136 4.27 -26.47 3.46
N LEU E 137 3.11 -26.16 2.87
CA LEU E 137 1.82 -26.68 3.38
C LEU E 137 1.66 -28.15 3.32
N ASN E 138 0.75 -28.68 4.17
CA ASN E 138 0.24 -30.05 4.00
C ASN E 138 -0.69 -30.01 2.77
N VAL E 139 -0.24 -30.55 1.65
CA VAL E 139 -0.97 -30.42 0.39
C VAL E 139 -2.30 -31.15 0.37
N GLN E 140 -2.31 -32.36 0.91
CA GLN E 140 -3.57 -33.05 1.04
C GLN E 140 -4.60 -32.22 1.81
N GLN E 141 -4.18 -31.63 2.93
CA GLN E 141 -5.10 -30.88 3.79
C GLN E 141 -5.55 -29.62 3.08
N PHE E 142 -4.58 -28.95 2.40
CA PHE E 142 -4.90 -27.76 1.61
C PHE E 142 -6.01 -28.06 0.57
N LYS E 143 -5.91 -29.16 -0.16
CA LYS E 143 -6.97 -29.57 -1.10
C LYS E 143 -8.28 -29.95 -0.40
N ASN E 144 -8.27 -30.78 0.66
CA ASN E 144 -9.47 -30.97 1.41
C ASN E 144 -10.12 -29.61 1.90
N ASP E 145 -9.34 -28.66 2.40
CA ASP E 145 -9.89 -27.41 2.95
C ASP E 145 -10.48 -26.64 1.76
N MET E 146 -9.78 -26.59 0.63
CA MET E 146 -10.37 -25.93 -0.56
C MET E 146 -11.69 -26.44 -1.04
N ASP E 147 -11.94 -27.72 -0.87
CA ASP E 147 -13.13 -28.29 -1.40
C ASP E 147 -14.19 -28.35 -0.39
N GLY E 148 -13.93 -27.95 0.86
CA GLY E 148 -14.93 -28.17 1.91
C GLY E 148 -15.95 -27.05 2.07
N THR E 149 -17.07 -27.37 2.72
CA THR E 149 -18.17 -26.44 2.87
C THR E 149 -17.75 -25.50 3.99
N LEU E 150 -16.89 -25.97 4.91
CA LEU E 150 -16.37 -25.07 5.94
C LEU E 150 -15.68 -23.80 5.36
N LEU E 151 -14.73 -24.02 4.44
CA LEU E 151 -14.00 -22.94 3.82
C LEU E 151 -14.95 -22.06 2.97
N GLU E 152 -15.85 -22.68 2.20
CA GLU E 152 -16.84 -21.94 1.42
C GLU E 152 -17.58 -20.92 2.31
N GLY E 153 -17.98 -21.36 3.49
CA GLY E 153 -18.64 -20.50 4.51
C GLY E 153 -17.78 -19.32 4.98
N VAL E 154 -16.50 -19.61 5.30
CA VAL E 154 -15.60 -18.59 5.76
C VAL E 154 -15.40 -17.57 4.59
N PHE E 155 -15.25 -18.10 3.36
CA PHE E 155 -15.08 -17.24 2.21
C PHE E 155 -16.30 -16.36 1.93
N GLN E 156 -17.50 -16.93 1.90
CA GLN E 156 -18.73 -16.12 1.73
C GLN E 156 -18.84 -15.07 2.85
N ASP E 157 -18.50 -15.44 4.09
CA ASP E 157 -18.48 -14.45 5.16
C ASP E 157 -17.46 -13.31 4.90
N GLN E 158 -16.31 -13.56 4.28
CA GLN E 158 -15.40 -12.46 3.99
C GLN E 158 -16.00 -11.54 2.92
N LEU E 159 -16.54 -12.12 1.83
CA LEU E 159 -17.18 -11.34 0.78
C LEU E 159 -18.27 -10.42 1.42
N SER E 160 -19.08 -10.97 2.31
CA SER E 160 -20.12 -10.14 2.95
C SER E 160 -19.50 -9.10 3.88
N LEU E 161 -18.49 -9.47 4.65
CA LEU E 161 -17.82 -8.49 5.54
C LEU E 161 -17.28 -7.31 4.70
N ALA E 162 -16.62 -7.59 3.56
CA ALA E 162 -16.02 -6.51 2.73
C ALA E 162 -17.06 -5.55 2.26
N LYS E 163 -18.19 -6.09 1.79
CA LYS E 163 -19.29 -5.25 1.34
C LYS E 163 -19.93 -4.47 2.52
N SER E 164 -20.05 -5.12 3.67
CA SER E 164 -20.54 -4.46 4.89
C SER E 164 -19.70 -3.28 5.29
N LEU E 165 -18.41 -3.38 5.06
CA LEU E 165 -17.47 -2.33 5.45
C LEU E 165 -17.55 -1.22 4.42
N GLY E 166 -18.42 -1.32 3.44
CA GLY E 166 -18.50 -0.25 2.44
C GLY E 166 -17.49 -0.35 1.32
N VAL E 167 -16.84 -1.49 1.13
CA VAL E 167 -15.72 -1.53 0.15
C VAL E 167 -16.13 -2.25 -1.18
N ASN E 168 -15.89 -1.62 -2.34
CA ASN E 168 -16.20 -2.18 -3.70
C ASN E 168 -14.89 -2.37 -4.53
N SER E 169 -13.79 -1.75 -4.09
CA SER E 169 -12.52 -1.71 -4.83
C SER E 169 -11.30 -1.77 -3.88
N TYR E 170 -10.13 -2.15 -4.40
CA TYR E 170 -9.05 -2.59 -3.56
C TYR E 170 -7.79 -1.87 -4.03
N PRO E 171 -6.82 -1.63 -3.16
CA PRO E 171 -6.79 -1.91 -1.73
C PRO E 171 -7.71 -0.88 -1.01
N SER E 172 -8.25 -1.22 0.18
CA SER E 172 -9.01 -0.25 0.94
C SER E 172 -8.71 -0.56 2.37
N LEU E 173 -8.89 0.46 3.24
CA LEU E 173 -8.60 0.34 4.68
C LEU E 173 -9.82 0.87 5.40
N VAL E 174 -10.30 0.18 6.44
CA VAL E 174 -11.38 0.69 7.21
C VAL E 174 -11.00 0.48 8.60
N LEU E 175 -11.10 1.53 9.40
CA LEU E 175 -10.81 1.46 10.84
C LEU E 175 -12.10 1.29 11.62
N GLN E 176 -12.17 0.25 12.43
CA GLN E 176 -13.28 0.03 13.37
C GLN E 176 -12.92 0.47 14.79
N ILE E 177 -13.74 1.35 15.37
CA ILE E 177 -13.53 1.72 16.73
C ILE E 177 -14.89 1.41 17.40
N ASN E 178 -14.86 0.37 18.25
CA ASN E 178 -16.15 -0.22 18.78
C ASN E 178 -17.21 -0.49 17.70
N ASP E 179 -18.33 0.23 17.70
CA ASP E 179 -19.32 0.00 16.65
C ASP E 179 -19.28 1.02 15.52
N ALA E 180 -18.31 1.92 15.47
CA ALA E 180 -18.22 2.91 14.38
C ALA E 180 -17.10 2.49 13.37
N TYR E 181 -17.27 2.75 12.08
CA TYR E 181 -16.32 2.34 10.98
C TYR E 181 -15.90 3.60 10.25
N PHE E 182 -14.60 3.72 9.93
CA PHE E 182 -14.11 4.92 9.27
C PHE E 182 -13.20 4.50 8.13
N PRO E 183 -13.50 4.89 6.88
CA PRO E 183 -12.55 4.67 5.75
C PRO E 183 -11.30 5.46 6.02
N ILE E 184 -10.16 4.86 5.67
CA ILE E 184 -8.85 5.47 5.88
C ILE E 184 -8.21 5.46 4.54
N GLU E 185 -7.96 6.63 4.00
CA GLU E 185 -7.30 6.75 2.70
C GLU E 185 -5.97 5.99 2.61
N VAL E 186 -5.80 5.27 1.50
CA VAL E 186 -4.54 4.60 1.20
C VAL E 186 -3.41 5.57 0.72
N ASP E 187 -2.20 5.47 1.27
CA ASP E 187 -1.04 6.20 0.71
C ASP E 187 -0.04 5.15 0.28
N TYR E 188 0.20 5.08 -1.03
CA TYR E 188 0.95 3.95 -1.57
C TYR E 188 2.43 3.97 -1.21
N LEU E 189 2.98 5.15 -0.99
CA LEU E 189 4.45 5.32 -0.82
C LEU E 189 4.91 5.57 0.59
N SER E 190 4.01 5.93 1.50
CA SER E 190 4.44 5.87 2.92
C SER E 190 3.35 5.67 3.93
N THR E 191 3.78 5.15 5.07
CA THR E 191 2.88 4.86 6.16
C THR E 191 2.53 6.10 7.01
N GLU E 192 3.36 7.15 6.97
CA GLU E 192 3.25 8.20 7.97
C GLU E 192 1.92 8.97 7.91
N PRO E 193 1.49 9.39 6.71
CA PRO E 193 0.17 10.01 6.65
C PRO E 193 -0.97 9.07 7.13
N THR E 194 -0.85 7.77 6.91
CA THR E 194 -1.92 6.82 7.23
C THR E 194 -1.98 6.57 8.76
N LEU E 195 -0.83 6.45 9.38
CA LEU E 195 -0.78 6.30 10.86
C LEU E 195 -1.38 7.56 11.53
N LYS E 196 -1.15 8.73 10.92
CA LYS E 196 -1.59 9.99 11.51
C LYS E 196 -3.11 10.04 11.37
N LEU E 197 -3.62 9.75 10.19
CA LEU E 197 -5.08 9.58 10.04
C LEU E 197 -5.63 8.58 11.09
N ILE E 198 -4.97 7.45 11.35
CA ILE E 198 -5.55 6.49 12.30
C ILE E 198 -5.54 7.06 13.73
N ARG E 199 -4.42 7.70 14.15
CA ARG E 199 -4.32 8.27 15.47
C ARG E 199 -5.29 9.40 15.66
N GLU E 200 -5.44 10.25 14.65
CA GLU E 200 -6.43 11.33 14.73
C GLU E 200 -7.84 10.83 14.90
N ARG E 201 -8.20 9.78 14.17
CA ARG E 201 -9.54 9.22 14.33
C ARG E 201 -9.80 8.59 15.69
N ILE E 202 -8.81 7.90 16.23
CA ILE E 202 -9.04 7.22 17.48
C ILE E 202 -9.26 8.34 18.53
N ILE E 203 -8.38 9.33 18.64
CA ILE E 203 -8.52 10.39 19.63
C ILE E 203 -9.88 11.14 19.40
N GLU E 204 -10.27 11.39 18.17
CA GLU E 204 -11.56 12.04 17.94
C GLU E 204 -12.81 11.30 18.39
N ASN E 205 -12.72 9.99 18.63
CA ASN E 205 -13.82 9.14 19.17
C ASN E 205 -13.64 8.57 20.58
N MET E 206 -13.32 9.38 21.59
CA MET E 206 -13.16 8.75 22.93
C MET E 206 -13.64 9.53 24.15
N MET F 1 -26.31 47.69 57.77
CA MET F 1 -26.76 46.39 58.38
C MET F 1 -26.76 45.15 57.44
N ASN F 2 -25.65 44.42 57.46
CA ASN F 2 -25.49 43.20 56.63
C ASN F 2 -25.78 42.01 57.55
N ILE F 3 -26.82 41.27 57.24
CA ILE F 3 -27.30 40.19 58.09
C ILE F 3 -27.34 38.93 57.23
N LYS F 4 -26.73 37.88 57.78
CA LYS F 4 -26.64 36.61 57.09
C LYS F 4 -26.86 35.42 58.07
N LEU F 5 -27.62 34.39 57.69
CA LEU F 5 -27.82 33.18 58.48
C LEU F 5 -27.05 32.08 57.76
N TYR F 6 -25.99 31.58 58.40
CA TYR F 6 -25.23 30.44 57.90
C TYR F 6 -25.86 29.11 58.38
N TYR F 7 -26.10 28.20 57.44
CA TYR F 7 -26.64 26.91 57.77
C TYR F 7 -25.50 25.95 57.40
N VAL F 8 -24.90 25.38 58.44
CA VAL F 8 -23.72 24.59 58.27
C VAL F 8 -24.21 23.16 58.38
N HIS F 9 -23.91 22.38 57.35
CA HIS F 9 -24.53 21.08 57.22
C HIS F 9 -23.59 20.16 56.49
N ASP F 10 -24.01 18.92 56.23
CA ASP F 10 -23.21 18.02 55.37
C ASP F 10 -24.25 17.16 54.66
N PRO F 11 -24.11 16.95 53.33
CA PRO F 11 -25.07 16.12 52.58
C PRO F 11 -25.27 14.71 53.18
N MET F 12 -24.25 14.15 53.84
CA MET F 12 -24.40 12.77 54.39
C MET F 12 -24.63 12.79 55.90
N CYS F 13 -25.04 13.95 56.41
CA CYS F 13 -25.39 14.06 57.81
C CYS F 13 -26.86 13.62 58.04
N SER F 14 -27.13 12.58 58.83
CA SER F 14 -28.51 12.05 59.03
C SER F 14 -29.47 13.02 59.69
N TRP F 15 -28.96 13.77 60.65
CA TRP F 15 -29.77 14.77 61.35
C TRP F 15 -30.10 15.99 60.46
N CYS F 16 -29.19 16.34 59.53
CA CYS F 16 -29.52 17.33 58.49
C CYS F 16 -30.64 16.87 57.60
N TRP F 17 -30.64 15.59 57.26
CA TRP F 17 -31.77 14.99 56.52
C TRP F 17 -33.03 15.01 57.37
N GLY F 18 -32.92 14.68 58.66
CA GLY F 18 -34.08 14.85 59.60
C GLY F 18 -34.56 16.30 59.62
N TYR F 19 -33.61 17.26 59.62
CA TYR F 19 -33.94 18.69 59.74
C TYR F 19 -34.54 19.30 58.45
N LYS F 20 -34.31 18.64 57.33
CA LYS F 20 -34.72 19.17 56.01
C LYS F 20 -36.08 19.91 55.88
N PRO F 21 -37.24 19.27 56.27
CA PRO F 21 -38.51 19.99 56.06
C PRO F 21 -38.49 21.37 56.81
N THR F 22 -37.88 21.38 57.99
CA THR F 22 -37.97 22.52 58.86
C THR F 22 -36.98 23.58 58.35
N ILE F 23 -35.72 23.18 58.05
CA ILE F 23 -34.75 24.17 57.54
C ILE F 23 -35.28 24.82 56.20
N GLU F 24 -35.94 24.05 55.35
CA GLU F 24 -36.48 24.64 54.11
C GLU F 24 -37.59 25.58 54.42
N LYS F 25 -38.48 25.27 55.36
CA LYS F 25 -39.54 26.25 55.74
C LYS F 25 -38.88 27.51 56.27
N LEU F 26 -37.89 27.30 57.16
CA LEU F 26 -37.21 28.47 57.77
C LEU F 26 -36.70 29.40 56.66
N LYS F 27 -35.98 28.84 55.72
CA LYS F 27 -35.42 29.62 54.63
C LYS F 27 -36.49 30.37 53.81
N GLN F 28 -37.61 29.72 53.57
CA GLN F 28 -38.73 30.39 52.94
C GLN F 28 -39.33 31.52 53.77
N GLN F 29 -39.38 31.36 55.09
CA GLN F 29 -40.00 32.34 55.95
C GLN F 29 -39.02 33.45 56.36
N LEU F 30 -37.72 33.28 56.14
CA LEU F 30 -36.80 34.31 56.59
C LEU F 30 -37.09 35.64 55.87
N PRO F 31 -37.13 36.78 56.60
CA PRO F 31 -37.30 38.08 55.92
C PRO F 31 -36.21 38.38 54.91
N GLY F 32 -36.64 39.06 53.85
CA GLY F 32 -35.81 39.32 52.69
C GLY F 32 -34.47 39.93 53.03
N VAL F 33 -34.39 40.74 54.08
CA VAL F 33 -33.11 41.35 54.43
C VAL F 33 -32.01 40.36 54.91
N ILE F 34 -32.39 39.17 55.36
CA ILE F 34 -31.40 38.23 55.90
C ILE F 34 -30.96 37.34 54.73
N GLN F 35 -29.68 37.33 54.45
CA GLN F 35 -29.14 36.38 53.44
C GLN F 35 -29.02 34.94 54.02
N PHE F 36 -29.47 33.93 53.30
CA PHE F 36 -29.30 32.57 53.77
C PHE F 36 -28.07 32.06 53.02
N GLU F 37 -27.13 31.47 53.72
CA GLU F 37 -25.95 30.89 53.08
C GLU F 37 -25.70 29.44 53.58
N TYR F 38 -25.68 28.46 52.68
CA TYR F 38 -25.30 27.09 53.05
C TYR F 38 -23.77 27.02 53.20
N VAL F 39 -23.24 26.25 54.16
CA VAL F 39 -21.81 26.04 54.29
C VAL F 39 -21.65 24.53 54.52
N VAL F 40 -20.83 23.86 53.67
CA VAL F 40 -20.55 22.44 53.96
C VAL F 40 -19.45 22.31 54.99
N GLY F 41 -19.68 21.51 56.01
CA GLY F 41 -18.67 21.40 57.06
C GLY F 41 -17.65 20.26 56.89
N GLY F 42 -18.02 19.25 56.10
CA GLY F 42 -17.17 18.09 55.88
C GLY F 42 -17.09 17.17 57.09
N LEU F 43 -18.12 16.42 57.27
CA LEU F 43 -18.21 15.49 58.35
C LEU F 43 -17.11 14.47 58.34
N ALA F 44 -16.73 13.87 57.21
CA ALA F 44 -15.67 12.85 57.31
C ALA F 44 -14.75 12.94 56.08
N PRO F 45 -13.41 12.90 56.29
CA PRO F 45 -12.46 13.19 55.20
C PRO F 45 -12.39 12.03 54.18
N ASP F 46 -11.67 12.27 53.06
CA ASP F 46 -11.49 11.29 52.01
C ASP F 46 -10.91 10.00 52.53
N THR F 47 -11.58 8.91 52.25
CA THR F 47 -11.01 7.60 52.49
C THR F 47 -11.78 6.63 51.60
N ASN F 48 -11.17 5.52 51.22
CA ASN F 48 -11.83 4.45 50.45
C ASN F 48 -12.06 3.21 51.29
N LEU F 49 -11.66 3.25 52.55
CA LEU F 49 -11.84 2.12 53.45
C LEU F 49 -13.29 1.82 53.83
N PRO F 50 -13.66 0.53 53.79
CA PRO F 50 -15.06 0.21 54.12
C PRO F 50 -15.38 0.51 55.58
N MET F 51 -16.59 0.99 55.86
CA MET F 51 -16.98 1.33 57.24
C MET F 51 -16.95 0.02 58.10
N PRO F 52 -16.31 0.03 59.28
CA PRO F 52 -16.31 -1.28 60.02
C PRO F 52 -17.71 -1.63 60.47
N PRO F 53 -18.00 -2.93 60.72
CA PRO F 53 -19.41 -3.26 61.04
C PRO F 53 -20.03 -2.61 62.29
N GLU F 54 -19.27 -2.35 63.35
CA GLU F 54 -19.84 -1.66 64.52
C GLU F 54 -20.32 -0.26 64.20
N MET F 55 -19.62 0.43 63.31
CA MET F 55 -20.02 1.78 62.98
C MET F 55 -21.28 1.74 62.10
N GLN F 56 -21.37 0.77 61.20
CA GLN F 56 -22.56 0.59 60.37
C GLN F 56 -23.78 0.36 61.24
N GLN F 57 -23.66 -0.44 62.29
CA GLN F 57 -24.83 -0.65 63.20
C GLN F 57 -25.12 0.56 64.03
N LYS F 58 -24.07 1.22 64.49
CA LYS F 58 -24.28 2.48 65.18
C LYS F 58 -25.10 3.44 64.28
N LEU F 59 -24.65 3.70 63.03
CA LEU F 59 -25.30 4.73 62.17
C LEU F 59 -26.72 4.27 61.76
N GLU F 60 -26.92 2.97 61.53
CA GLU F 60 -28.28 2.52 61.23
C GLU F 60 -29.18 2.66 62.44
N GLY F 61 -28.64 2.47 63.64
CA GLY F 61 -29.40 2.78 64.87
C GLY F 61 -29.79 4.24 64.96
N ILE F 62 -28.90 5.15 64.53
CA ILE F 62 -29.20 6.60 64.50
C ILE F 62 -30.37 6.89 63.52
N TRP F 63 -30.32 6.25 62.35
CA TRP F 63 -31.44 6.39 61.40
C TRP F 63 -32.77 6.05 62.12
N LYS F 64 -32.81 4.93 62.84
CA LYS F 64 -34.03 4.53 63.56
C LYS F 64 -34.48 5.58 64.54
N GLN F 65 -33.56 6.08 65.33
CA GLN F 65 -33.84 7.13 66.27
C GLN F 65 -34.33 8.43 65.61
N ILE F 66 -33.81 8.76 64.44
CA ILE F 66 -34.34 9.94 63.76
C ILE F 66 -35.77 9.68 63.26
N GLU F 67 -36.00 8.50 62.67
CA GLU F 67 -37.32 8.08 62.28
C GLU F 67 -38.28 8.24 63.46
N THR F 68 -37.91 7.73 64.64
CA THR F 68 -38.85 7.77 65.80
C THR F 68 -39.14 9.21 66.21
N GLN F 69 -38.09 9.99 66.43
CA GLN F 69 -38.23 11.31 66.95
C GLN F 69 -38.83 12.32 65.93
N LEU F 70 -38.43 12.24 64.65
CA LEU F 70 -38.92 13.23 63.65
C LEU F 70 -39.89 12.69 62.59
N GLY F 71 -40.10 11.36 62.46
CA GLY F 71 -40.96 10.86 61.36
C GLY F 71 -40.28 10.82 59.97
N THR F 72 -38.95 11.02 59.93
CA THR F 72 -38.18 11.00 58.73
C THR F 72 -38.24 9.64 58.02
N LYS F 73 -38.28 9.69 56.71
CA LYS F 73 -38.24 8.45 55.91
C LYS F 73 -36.82 7.95 55.65
N PHE F 74 -36.64 6.64 55.80
CA PHE F 74 -35.41 5.95 55.40
C PHE F 74 -35.73 4.63 54.68
N ASN F 75 -34.98 4.30 53.63
CA ASN F 75 -35.00 2.96 53.12
C ASN F 75 -33.78 2.28 53.76
N TYR F 76 -34.02 1.44 54.77
CA TYR F 76 -32.96 0.70 55.47
C TYR F 76 -32.15 -0.26 54.61
N ASP F 77 -32.59 -0.49 53.39
CA ASP F 77 -31.84 -1.34 52.43
C ASP F 77 -30.46 -0.83 52.05
N PHE F 78 -30.24 0.47 52.12
CA PHE F 78 -28.86 0.96 52.01
C PHE F 78 -27.83 0.06 52.74
N TRP F 79 -28.13 -0.33 53.98
CA TRP F 79 -27.18 -1.08 54.84
C TRP F 79 -26.97 -2.51 54.34
N LYS F 80 -27.93 -3.04 53.60
CA LYS F 80 -27.61 -4.32 52.97
C LYS F 80 -27.17 -4.31 51.50
N LEU F 81 -27.51 -3.29 50.72
CA LEU F 81 -27.20 -3.27 49.28
C LEU F 81 -25.90 -2.55 48.93
N CYS F 82 -25.46 -1.65 49.79
CA CYS F 82 -24.23 -0.89 49.52
C CYS F 82 -23.06 -1.36 50.42
N THR F 83 -21.84 -0.95 50.05
CA THR F 83 -20.69 -1.05 50.92
C THR F 83 -20.50 0.36 51.56
N PRO F 84 -20.91 0.54 52.82
CA PRO F 84 -20.81 1.95 53.27
C PRO F 84 -19.38 2.35 53.48
N VAL F 85 -19.06 3.62 53.20
CA VAL F 85 -17.74 4.19 53.46
C VAL F 85 -17.91 5.49 54.32
N ARG F 86 -17.11 5.63 55.39
CA ARG F 86 -17.26 6.78 56.28
C ARG F 86 -16.50 7.93 55.61
N SER F 87 -17.04 8.54 54.56
CA SER F 87 -16.30 9.62 53.88
C SER F 87 -17.32 10.53 53.22
N THR F 88 -17.29 11.83 53.52
CA THR F 88 -18.37 12.67 53.04
C THR F 88 -17.86 13.76 52.16
N TYR F 89 -16.54 13.89 52.05
CA TYR F 89 -15.96 15.07 51.37
C TYR F 89 -16.40 15.10 49.88
N GLN F 90 -16.44 13.94 49.25
CA GLN F 90 -16.80 13.88 47.84
C GLN F 90 -18.25 14.31 47.57
N SER F 91 -19.16 13.92 48.44
CA SER F 91 -20.50 14.38 48.34
C SER F 91 -20.58 15.93 48.55
N CYS F 92 -19.79 16.52 49.48
CA CYS F 92 -19.68 18.00 49.61
C CYS F 92 -19.22 18.62 48.27
N ARG F 93 -18.19 18.02 47.68
CA ARG F 93 -17.72 18.54 46.40
C ARG F 93 -18.81 18.57 45.34
N ALA F 94 -19.59 17.48 45.26
CA ALA F 94 -20.63 17.34 44.25
C ALA F 94 -21.68 18.41 44.44
N VAL F 95 -22.07 18.71 45.69
CA VAL F 95 -23.03 19.78 45.89
C VAL F 95 -22.46 21.15 45.49
N ILE F 96 -21.20 21.42 45.88
CA ILE F 96 -20.56 22.67 45.45
C ILE F 96 -20.48 22.77 43.93
N ALA F 97 -20.13 21.67 43.24
CA ALA F 97 -19.98 21.77 41.81
C ALA F 97 -21.34 21.97 41.12
N ALA F 98 -22.42 21.39 41.68
CA ALA F 98 -23.74 21.57 41.11
C ALA F 98 -24.11 23.08 41.33
N GLY F 99 -23.66 23.67 42.44
CA GLY F 99 -23.84 25.14 42.75
C GLY F 99 -23.19 26.03 41.67
N PHE F 100 -22.18 25.51 40.95
CA PHE F 100 -21.58 26.31 39.88
C PHE F 100 -22.57 26.40 38.72
N GLN F 101 -23.53 25.48 38.62
CA GLN F 101 -24.56 25.56 37.59
C GLN F 101 -25.91 25.96 38.23
N ASP F 102 -25.89 26.72 39.33
CA ASP F 102 -27.07 27.13 40.06
C ASP F 102 -28.01 26.04 40.48
N SER F 103 -27.47 24.89 40.88
CA SER F 103 -28.27 23.76 41.32
C SER F 103 -27.81 23.13 42.61
N TYR F 104 -27.29 23.95 43.51
CA TYR F 104 -26.83 23.50 44.79
C TYR F 104 -27.94 22.74 45.52
N GLU F 105 -29.11 23.37 45.63
CA GLU F 105 -30.18 22.78 46.44
C GLU F 105 -30.73 21.52 45.77
N GLN F 106 -30.77 21.52 44.45
CA GLN F 106 -31.28 20.35 43.72
C GLN F 106 -30.36 19.14 43.94
N MET F 107 -29.04 19.34 43.97
CA MET F 107 -28.03 18.28 44.06
C MET F 107 -27.98 17.76 45.53
N LEU F 108 -28.04 18.72 46.47
CA LEU F 108 -28.11 18.43 47.86
C LEU F 108 -29.30 17.47 48.08
N GLU F 109 -30.49 17.85 47.61
CA GLU F 109 -31.68 17.00 47.85
C GLU F 109 -31.56 15.62 47.12
N ALA F 110 -31.03 15.65 45.88
CA ALA F 110 -30.72 14.42 45.15
C ALA F 110 -29.83 13.47 45.88
N ILE F 111 -28.74 13.97 46.48
CA ILE F 111 -27.83 13.12 47.24
C ILE F 111 -28.51 12.56 48.48
N GLN F 112 -29.24 13.41 49.18
CA GLN F 112 -30.00 12.94 50.29
C GLN F 112 -30.94 11.83 49.94
N HIS F 113 -31.72 12.02 48.89
CA HIS F 113 -32.63 10.93 48.48
C HIS F 113 -31.89 9.70 48.02
N ALA F 114 -30.74 9.90 47.36
CA ALA F 114 -29.95 8.77 46.82
C ALA F 114 -29.50 7.91 48.00
N TYR F 115 -29.11 8.57 49.07
CA TYR F 115 -28.50 7.91 50.21
C TYR F 115 -29.60 7.29 51.10
N TYR F 116 -30.61 8.10 51.41
CA TYR F 116 -31.51 7.75 52.48
C TYR F 116 -32.72 7.02 51.94
N LEU F 117 -33.04 7.12 50.64
CA LEU F 117 -34.25 6.48 50.07
C LEU F 117 -33.91 5.48 48.95
N ARG F 118 -32.90 5.79 48.16
CA ARG F 118 -32.65 5.01 46.93
C ARG F 118 -31.65 3.91 47.05
N ALA F 119 -31.11 3.77 48.25
CA ALA F 119 -30.04 2.85 48.56
C ALA F 119 -28.96 2.93 47.53
N MET F 120 -28.37 4.11 47.35
CA MET F 120 -27.25 4.28 46.44
C MET F 120 -26.08 4.80 47.29
N PRO F 121 -24.83 4.43 46.94
CA PRO F 121 -23.66 4.88 47.69
C PRO F 121 -23.40 6.39 47.46
N PRO F 122 -23.61 7.21 48.48
CA PRO F 122 -23.54 8.66 48.36
C PRO F 122 -22.16 9.23 48.09
N HIS F 123 -21.12 8.48 48.35
CA HIS F 123 -19.73 8.96 48.18
C HIS F 123 -19.14 8.59 46.83
N GLU F 124 -19.85 7.87 45.98
CA GLU F 124 -19.23 7.35 44.75
C GLU F 124 -19.44 8.28 43.62
N GLU F 125 -18.40 8.36 42.81
CA GLU F 125 -18.46 8.95 41.50
C GLU F 125 -19.71 8.58 40.62
N ALA F 126 -20.00 7.30 40.42
CA ALA F 126 -21.15 6.89 39.60
C ALA F 126 -22.49 7.48 40.08
N THR F 127 -22.69 7.57 41.41
CA THR F 127 -23.91 8.13 41.93
C THR F 127 -23.94 9.63 41.52
N HIS F 128 -22.87 10.34 41.76
CA HIS F 128 -22.89 11.78 41.49
C HIS F 128 -23.23 12.11 40.05
N LEU F 129 -22.72 11.30 39.13
CA LEU F 129 -22.87 11.53 37.70
C LEU F 129 -24.27 11.15 37.29
N GLN F 130 -24.81 10.08 37.86
CA GLN F 130 -26.22 9.78 37.62
C GLN F 130 -27.19 10.91 38.13
N LEU F 131 -26.95 11.41 39.35
CA LEU F 131 -27.73 12.55 39.90
C LEU F 131 -27.61 13.79 39.04
N ALA F 132 -26.38 14.07 38.60
CA ALA F 132 -26.15 15.26 37.76
C ALA F 132 -27.01 15.21 36.48
N LYS F 133 -27.04 14.03 35.86
CA LYS F 133 -27.90 13.82 34.74
C LYS F 133 -29.36 14.02 35.14
N GLU F 134 -29.74 13.33 36.23
CA GLU F 134 -31.13 13.40 36.69
C GLU F 134 -31.66 14.78 36.93
N ILE F 135 -30.86 15.67 37.52
CA ILE F 135 -31.34 16.96 37.92
C ILE F 135 -31.16 17.97 36.79
N GLY F 136 -30.65 17.53 35.64
CA GLY F 136 -30.56 18.35 34.43
C GLY F 136 -29.31 19.23 34.35
N LEU F 137 -28.21 18.82 34.98
CA LEU F 137 -26.91 19.51 34.79
C LEU F 137 -26.35 19.31 33.39
N ASN F 138 -25.54 20.28 32.96
CA ASN F 138 -24.53 19.91 31.94
C ASN F 138 -23.52 18.92 32.58
N VAL F 139 -23.68 17.65 32.27
CA VAL F 139 -22.89 16.61 32.90
C VAL F 139 -21.39 16.71 32.64
N GLN F 140 -20.99 16.92 31.38
CA GLN F 140 -19.58 17.07 31.01
C GLN F 140 -18.99 18.20 31.85
N GLN F 141 -19.73 19.29 32.00
CA GLN F 141 -19.06 20.31 32.74
C GLN F 141 -19.02 20.14 34.25
N PHE F 142 -20.01 19.43 34.77
CA PHE F 142 -20.00 19.00 36.17
C PHE F 142 -18.76 18.18 36.39
N LYS F 143 -18.57 17.22 35.49
CA LYS F 143 -17.46 16.33 35.61
C LYS F 143 -16.14 17.11 35.51
N ASN F 144 -16.00 18.00 34.53
CA ASN F 144 -14.80 18.87 34.45
C ASN F 144 -14.59 19.74 35.70
N ASP F 145 -15.71 20.24 36.24
CA ASP F 145 -15.62 21.05 37.45
C ASP F 145 -15.14 20.19 38.64
N MET F 146 -15.70 18.99 38.82
CA MET F 146 -15.24 18.14 39.92
C MET F 146 -13.73 17.90 40.00
N ASP F 147 -13.01 17.87 38.90
CA ASP F 147 -11.61 17.64 39.10
C ASP F 147 -10.73 18.86 38.84
N GLY F 148 -11.26 20.07 38.94
CA GLY F 148 -10.40 21.28 38.81
C GLY F 148 -9.98 21.90 40.17
N THR F 149 -9.04 22.84 40.12
CA THR F 149 -8.58 23.49 41.33
C THR F 149 -9.50 24.60 41.79
N LEU F 150 -10.36 25.09 40.90
CA LEU F 150 -11.35 26.00 41.40
C LEU F 150 -12.24 25.25 42.43
N LEU F 151 -12.75 24.09 42.06
CA LEU F 151 -13.64 23.40 42.95
C LEU F 151 -12.94 23.05 44.26
N GLU F 152 -11.70 22.57 44.18
CA GLU F 152 -11.04 22.09 45.37
C GLU F 152 -10.78 23.27 46.29
N GLY F 153 -10.37 24.40 45.74
CA GLY F 153 -10.14 25.64 46.55
C GLY F 153 -11.44 26.12 47.18
N VAL F 154 -12.56 26.02 46.45
CA VAL F 154 -13.87 26.43 47.01
C VAL F 154 -14.22 25.53 48.21
N PHE F 155 -14.06 24.22 48.02
CA PHE F 155 -14.35 23.25 49.08
C PHE F 155 -13.46 23.45 50.30
N GLN F 156 -12.16 23.60 50.13
CA GLN F 156 -11.28 23.86 51.28
C GLN F 156 -11.70 25.14 52.05
N ASP F 157 -12.10 26.17 51.32
CA ASP F 157 -12.51 27.42 51.92
C ASP F 157 -13.81 27.19 52.72
N GLN F 158 -14.72 26.36 52.23
CA GLN F 158 -15.87 25.96 53.02
C GLN F 158 -15.54 25.27 54.31
N LEU F 159 -14.66 24.29 54.23
CA LEU F 159 -14.19 23.66 55.47
C LEU F 159 -13.65 24.71 56.51
N SER F 160 -12.82 25.66 56.02
CA SER F 160 -12.25 26.68 56.92
C SER F 160 -13.31 27.63 57.40
N LEU F 161 -14.30 27.92 56.55
CA LEU F 161 -15.36 28.83 56.98
C LEU F 161 -16.15 28.16 58.13
N ALA F 162 -16.57 26.88 57.94
CA ALA F 162 -17.30 26.13 58.99
C ALA F 162 -16.56 26.15 60.34
N LYS F 163 -15.28 25.88 60.32
CA LYS F 163 -14.45 25.88 61.53
C LYS F 163 -14.32 27.34 62.10
N SER F 164 -14.21 28.33 61.21
CA SER F 164 -14.20 29.72 61.57
C SER F 164 -15.40 30.13 62.36
N LEU F 165 -16.56 29.58 61.97
CA LEU F 165 -17.81 29.92 62.59
C LEU F 165 -17.95 29.16 63.93
N GLY F 166 -16.99 28.34 64.30
CA GLY F 166 -17.04 27.66 65.60
C GLY F 166 -17.89 26.43 65.47
N VAL F 167 -18.14 25.97 64.24
CA VAL F 167 -19.04 24.88 64.13
C VAL F 167 -18.26 23.58 63.84
N ASN F 168 -18.53 22.52 64.59
CA ASN F 168 -18.00 21.26 64.09
C ASN F 168 -18.99 20.08 64.24
N SER F 169 -20.27 20.36 64.49
CA SER F 169 -21.25 19.28 64.32
C SER F 169 -22.47 19.90 63.63
N TYR F 170 -23.32 19.05 63.05
CA TYR F 170 -24.28 19.45 61.99
C TYR F 170 -25.59 18.83 62.36
N PRO F 171 -26.69 19.48 62.05
CA PRO F 171 -26.82 20.83 61.50
C PRO F 171 -26.49 21.92 62.56
N SER F 172 -25.96 23.09 62.13
CA SER F 172 -25.92 24.23 63.03
C SER F 172 -26.27 25.48 62.27
N LEU F 173 -26.56 26.53 63.03
CA LEU F 173 -26.94 27.81 62.51
C LEU F 173 -26.10 28.83 63.21
N VAL F 174 -25.58 29.81 62.45
CA VAL F 174 -24.89 30.94 62.99
C VAL F 174 -25.44 32.21 62.33
N LEU F 175 -25.89 33.18 63.12
CA LEU F 175 -26.35 34.42 62.57
C LEU F 175 -25.26 35.46 62.62
N GLN F 176 -25.03 36.17 61.52
CA GLN F 176 -23.99 37.15 61.50
C GLN F 176 -24.66 38.52 61.35
N ILE F 177 -24.29 39.50 62.17
CA ILE F 177 -24.89 40.86 62.01
C ILE F 177 -23.69 41.77 61.92
N ASN F 178 -23.39 42.31 60.74
CA ASN F 178 -22.13 43.10 60.58
C ASN F 178 -20.92 42.28 61.01
N ASP F 179 -20.14 42.68 62.02
CA ASP F 179 -18.95 41.91 62.37
C ASP F 179 -19.11 40.94 63.52
N ALA F 180 -20.35 40.78 64.00
CA ALA F 180 -20.59 39.94 65.14
C ALA F 180 -21.41 38.66 64.72
N TYR F 181 -21.22 37.56 65.45
CA TYR F 181 -21.77 36.25 65.16
C TYR F 181 -22.49 35.67 66.35
N PHE F 182 -23.61 34.97 66.14
CA PHE F 182 -24.43 34.55 67.22
C PHE F 182 -24.86 33.12 66.85
N PRO F 183 -24.55 32.12 67.67
CA PRO F 183 -25.09 30.74 67.41
C PRO F 183 -26.59 30.76 67.63
N ILE F 184 -27.34 30.12 66.72
CA ILE F 184 -28.80 30.11 66.83
C ILE F 184 -29.08 28.64 67.02
N GLU F 185 -29.67 28.25 68.15
CA GLU F 185 -30.08 26.88 68.37
C GLU F 185 -31.00 26.30 67.30
N VAL F 186 -30.76 25.03 66.90
CA VAL F 186 -31.67 24.30 66.01
C VAL F 186 -32.97 23.77 66.70
N ASP F 187 -34.15 24.02 66.12
CA ASP F 187 -35.40 23.38 66.56
C ASP F 187 -35.83 22.50 65.37
N TYR F 188 -35.77 21.18 65.56
CA TYR F 188 -36.02 20.26 64.45
C TYR F 188 -37.45 20.21 63.95
N LEU F 189 -38.40 20.51 64.81
CA LEU F 189 -39.78 20.35 64.47
C LEU F 189 -40.50 21.62 64.10
N SER F 190 -39.97 22.80 64.48
CA SER F 190 -40.71 24.03 64.33
C SER F 190 -39.81 25.22 63.97
N THR F 191 -40.23 26.06 63.03
CA THR F 191 -39.40 27.20 62.72
C THR F 191 -39.63 28.37 63.71
N GLU F 192 -40.70 28.34 64.48
CA GLU F 192 -41.08 29.57 65.20
C GLU F 192 -40.11 29.94 66.31
N PRO F 193 -39.63 28.98 67.13
CA PRO F 193 -38.63 29.46 68.14
C PRO F 193 -37.34 29.97 67.52
N THR F 194 -36.96 29.43 66.38
CA THR F 194 -35.73 29.89 65.69
C THR F 194 -35.85 31.31 65.14
N LEU F 195 -36.94 31.57 64.45
CA LEU F 195 -37.22 32.91 63.89
C LEU F 195 -37.31 33.92 65.04
N LYS F 196 -37.92 33.52 66.16
CA LYS F 196 -37.97 34.44 67.32
C LYS F 196 -36.53 34.70 67.83
N LEU F 197 -35.70 33.67 67.91
CA LEU F 197 -34.29 33.90 68.34
C LEU F 197 -33.56 34.89 67.36
N ILE F 198 -33.84 34.74 66.07
CA ILE F 198 -33.22 35.57 65.02
C ILE F 198 -33.72 37.00 65.11
N ARG F 199 -35.05 37.19 65.18
CA ARG F 199 -35.60 38.56 65.26
C ARG F 199 -35.13 39.29 66.51
N GLU F 200 -35.11 38.59 67.65
CA GLU F 200 -34.71 39.20 68.92
C GLU F 200 -33.29 39.70 68.85
N ARG F 201 -32.43 38.84 68.33
CA ARG F 201 -31.04 39.19 68.15
C ARG F 201 -30.84 40.42 67.22
N ILE F 202 -31.59 40.51 66.12
CA ILE F 202 -31.44 41.60 65.17
C ILE F 202 -31.84 42.93 65.83
N ILE F 203 -33.00 42.92 66.49
CA ILE F 203 -33.50 44.14 67.15
C ILE F 203 -32.51 44.61 68.27
N GLU F 204 -31.95 43.68 69.04
CA GLU F 204 -30.96 44.00 70.09
C GLU F 204 -29.69 44.60 69.52
N ASN F 205 -29.33 44.25 68.30
CA ASN F 205 -28.07 44.74 67.74
C ASN F 205 -28.18 45.85 66.72
N MET F 206 -29.26 46.62 66.82
CA MET F 206 -29.59 47.74 65.91
C MET F 206 -29.23 49.07 66.58
#